data_4QLC
#
_entry.id   4QLC
#
_cell.length_a   262.870
_cell.length_b   262.870
_cell.length_c   91.790
_cell.angle_alpha   90.00
_cell.angle_beta   90.00
_cell.angle_gamma   120.00
#
_symmetry.space_group_name_H-M   'P 65'
#
loop_
_entity.id
_entity.type
_entity.pdbx_description
1 polymer 'DNA (167-mer)'
2 polymer 'DNA (167-mer)'
3 polymer 'Histone H3'
4 polymer 'Histone H4'
5 polymer 'Histone H2A'
6 polymer 'Histone H2B'
7 polymer H5
8 non-polymer 'CITRIC ACID'
#
loop_
_entity_poly.entity_id
_entity_poly.type
_entity_poly.pdbx_seq_one_letter_code
_entity_poly.pdbx_strand_id
1 'polydeoxyribonucleotide'
;(DA)(DC)(DT)(DG)(DG)(DC)(DC)(DG)(DC)(DC)(DC)(DT)(DG)(DG)(DA)(DG)(DA)(DA)(DT)(DC)
(DC)(DC)(DG)(DG)(DT)(DG)(DC)(DC)(DG)(DA)(DG)(DG)(DC)(DC)(DG)(DC)(DT)(DC)(DA)(DA)
(DT)(DT)(DG)(DG)(DT)(DC)(DG)(DT)(DA)(DG)(DA)(DC)(DA)(DG)(DC)(DT)(DC)(DT)(DA)(DG)
(DC)(DA)(DC)(DC)(DG)(DC)(DT)(DT)(DA)(DA)(DA)(DC)(DG)(DC)(DA)(DC)(DG)(DT)(DA)(DC)
(DG)(DC)(DG)(DC)(DT)(DG)(DT)(DC)(DC)(DC)(DC)(DC)(DG)(DC)(DG)(DT)(DT)(DT)(DT)(DA)
(DA)(DC)(DC)(DG)(DC)(DC)(DA)(DA)(DG)(DG)(DG)(DG)(DA)(DT)(DT)(DA)(DC)(DT)(DC)(DC)
(DC)(DT)(DA)(DG)(DT)(DC)(DT)(DC)(DC)(DA)(DG)(DG)(DC)(DA)(DC)(DG)(DT)(DG)(DT)(DC)
(DA)(DG)(DA)(DT)(DA)(DT)(DA)(DT)(DA)(DC)(DA)(DT)(DC)(DC)(DT)(DG)(DT)(DG)(DC)(DA)
(DT)(DG)(DT)(DA)(DA)(DG)(DT)
;
I
2 'polydeoxyribonucleotide'
;(DA)(DC)(DT)(DT)(DA)(DC)(DA)(DT)(DG)(DC)(DA)(DC)(DA)(DG)(DG)(DA)(DT)(DG)(DT)(DA)
(DT)(DA)(DT)(DA)(DT)(DC)(DT)(DG)(DA)(DC)(DA)(DC)(DG)(DT)(DG)(DC)(DC)(DT)(DG)(DG)
(DA)(DG)(DA)(DC)(DT)(DA)(DG)(DG)(DG)(DA)(DG)(DT)(DA)(DA)(DT)(DC)(DC)(DC)(DC)(DT)
(DT)(DG)(DG)(DC)(DG)(DG)(DT)(DT)(DA)(DA)(DA)(DA)(DC)(DG)(DC)(DG)(DG)(DG)(DG)(DG)
(DA)(DC)(DA)(DG)(DC)(DG)(DC)(DG)(DT)(DA)(DC)(DG)(DT)(DG)(DC)(DG)(DT)(DT)(DT)(DA)
(DA)(DG)(DC)(DG)(DG)(DT)(DG)(DC)(DT)(DA)(DG)(DA)(DG)(DC)(DT)(DG)(DT)(DC)(DT)(DA)
(DC)(DG)(DA)(DC)(DC)(DA)(DA)(DT)(DT)(DG)(DA)(DG)(DC)(DG)(DG)(DC)(DC)(DT)(DC)(DG)
(DG)(DC)(DA)(DC)(DC)(DG)(DG)(DG)(DA)(DT)(DT)(DC)(DT)(DC)(DC)(DA)(DG)(DG)(DG)(DC)
(DG)(DG)(DC)(DC)(DA)(DG)(DT)
;
J
3 'polypeptide(L)'
;ARTKQTARKSTGGKAPRKQLATKAARKSAPATGGVKKPHRYRPGTVALREIRRYQKSTELLIRKLPFQRLVREIAQDFKT
DLRFQSSAVMALQEASEAYLVGLFEDTNLCAIHAKRVTIMPKDIQLARRIRGERA
;
A,E
4 'polypeptide(L)'
;TGRGKGGKGLGKGGAKRHRKVLRDNIQGITKPAIRRLARRGGVKRISGLIYEETRGVLKVFLENVIRDAVTYTEHAKRKT
VTAMDVVYALKRQGRTLYGFGG
;
B,F
5 'polypeptide(L)'
;SGRGKGGKVKGKAKSRSNRAGLQFPVGRIHRLLRKGNYAERVGAGAPVYLAAVMEYLAAEVLELAGNAARDNKKTRIIPR
HLQLAIRNDEELNKLLSGVTIAQGGVLPNIQAVLLPKKTEKKA
;
C,G
6 'polypeptide(L)'
;PPKTSGKAAKKAGKAQKNITKTDKKKKRKRKESYAIYIYKVLKQVHPDTGISSKAMSIMNSFVNDIFERIAAEASRLAHY
NKRSTITSREIQTAVRLLLPGELAKHAVSEGTKAVTKYTSSK
;
D,H
7 'polypeptide(L)' SASHPTYSEMIAAAIRAEKSRGGSSRQSIQKYIKSHYKVGHNADLQIKLSIRRLLAAGVLKQTKGVGASGSFRLAKS U
#
# COMPACT_ATOMS: atom_id res chain seq x y z
N PRO C 38 -36.31 -13.09 -34.36
CA PRO C 38 -35.40 -13.50 -33.28
C PRO C 38 -35.23 -12.43 -32.21
N HIS C 39 -34.80 -12.85 -31.02
CA HIS C 39 -34.59 -11.95 -29.89
C HIS C 39 -33.08 -11.83 -29.70
N ARG C 40 -32.52 -10.63 -29.83
CA ARG C 40 -31.08 -10.45 -29.64
C ARG C 40 -30.52 -9.37 -28.71
N TYR C 41 -31.37 -8.63 -28.00
CA TYR C 41 -30.89 -7.65 -27.00
C TYR C 41 -29.95 -6.63 -27.64
N ARG C 42 -28.99 -6.16 -26.84
CA ARG C 42 -27.96 -5.21 -27.26
C ARG C 42 -26.65 -5.47 -26.53
N PRO C 43 -25.52 -5.23 -27.20
CA PRO C 43 -24.18 -5.42 -26.62
C PRO C 43 -24.06 -4.68 -25.29
N GLY C 44 -23.70 -5.39 -24.23
CA GLY C 44 -23.55 -4.78 -22.93
C GLY C 44 -24.65 -5.19 -21.97
N THR C 45 -25.83 -5.50 -22.51
CA THR C 45 -26.96 -5.90 -21.68
C THR C 45 -26.63 -7.19 -20.94
N VAL C 46 -26.21 -8.22 -21.69
CA VAL C 46 -25.82 -9.47 -21.07
C VAL C 46 -24.59 -9.26 -20.20
N ALA C 47 -23.71 -8.37 -20.67
CA ALA C 47 -22.48 -8.02 -19.95
C ALA C 47 -22.79 -7.52 -18.54
N LEU C 48 -23.68 -6.52 -18.46
CA LEU C 48 -24.10 -5.95 -17.18
C LEU C 48 -24.75 -7.00 -16.29
N ARG C 49 -25.53 -7.88 -16.90
CA ARG C 49 -26.20 -8.96 -16.18
C ARG C 49 -25.21 -9.87 -15.50
N GLU C 50 -24.10 -10.13 -16.18
CA GLU C 50 -23.02 -10.94 -15.66
C GLU C 50 -22.31 -10.25 -14.50
N ILE C 51 -22.10 -8.94 -14.63
CA ILE C 51 -21.47 -8.16 -13.57
C ILE C 51 -22.25 -8.28 -12.29
N ARG C 52 -23.54 -7.97 -12.39
CA ARG C 52 -24.45 -8.05 -11.26
C ARG C 52 -24.50 -9.46 -10.68
N ARG C 53 -24.44 -10.45 -11.57
CA ARG C 53 -24.49 -11.86 -11.19
C ARG C 53 -23.29 -12.32 -10.34
N TYR C 54 -22.08 -12.14 -10.86
CA TYR C 54 -20.87 -12.65 -10.20
C TYR C 54 -20.47 -11.83 -8.99
N GLN C 55 -20.93 -10.58 -8.93
CA GLN C 55 -20.70 -9.74 -7.76
C GLN C 55 -21.60 -10.18 -6.62
N LYS C 56 -22.67 -10.89 -6.96
CA LYS C 56 -23.62 -11.37 -5.96
C LYS C 56 -23.18 -12.73 -5.41
N SER C 57 -22.56 -13.54 -6.26
CA SER C 57 -22.13 -14.87 -5.84
C SER C 57 -20.69 -14.84 -5.31
N THR C 58 -20.25 -15.95 -4.74
CA THR C 58 -18.93 -16.02 -4.11
C THR C 58 -18.14 -17.29 -4.45
N GLU C 59 -18.46 -17.93 -5.56
CA GLU C 59 -17.76 -19.15 -5.94
C GLU C 59 -16.53 -18.83 -6.78
N LEU C 60 -15.53 -19.70 -6.73
CA LEU C 60 -14.31 -19.50 -7.51
C LEU C 60 -14.63 -19.56 -8.99
N LEU C 61 -14.05 -18.64 -9.75
CA LEU C 61 -14.36 -18.49 -11.15
C LEU C 61 -13.36 -19.14 -12.09
N ILE C 62 -12.24 -19.59 -11.54
CA ILE C 62 -11.26 -20.29 -12.36
C ILE C 62 -11.48 -21.79 -12.16
N ARG C 63 -11.25 -22.57 -13.22
CA ARG C 63 -11.44 -24.00 -13.14
C ARG C 63 -10.36 -24.62 -12.26
N LYS C 64 -10.81 -25.36 -11.24
CA LYS C 64 -9.95 -25.95 -10.21
C LYS C 64 -8.74 -26.70 -10.76
N LEU C 65 -9.00 -27.78 -11.49
CA LEU C 65 -7.95 -28.68 -11.99
C LEU C 65 -6.90 -27.98 -12.89
N PRO C 66 -7.32 -27.23 -13.94
CA PRO C 66 -6.32 -26.54 -14.77
C PRO C 66 -5.38 -25.66 -13.94
N PHE C 67 -5.94 -24.99 -12.95
CA PHE C 67 -5.19 -24.10 -12.06
C PHE C 67 -4.23 -24.89 -11.17
N GLN C 68 -4.67 -26.06 -10.72
CA GLN C 68 -3.85 -26.90 -9.86
C GLN C 68 -2.60 -27.37 -10.60
N ARG C 69 -2.72 -27.57 -11.92
CA ARG C 69 -1.58 -27.95 -12.75
C ARG C 69 -0.63 -26.77 -12.90
N LEU C 70 -1.20 -25.58 -13.05
CA LEU C 70 -0.45 -24.34 -13.17
C LEU C 70 0.43 -24.10 -11.94
N VAL C 71 -0.12 -24.35 -10.76
CA VAL C 71 0.60 -24.19 -9.50
C VAL C 71 1.85 -25.08 -9.44
N ARG C 72 1.68 -26.37 -9.72
CA ARG C 72 2.80 -27.31 -9.67
C ARG C 72 3.90 -26.96 -10.68
N GLU C 73 3.51 -26.53 -11.87
CA GLU C 73 4.49 -26.15 -12.89
C GLU C 73 5.35 -25.01 -12.39
N ILE C 74 4.71 -23.96 -11.89
CA ILE C 74 5.42 -22.82 -11.34
C ILE C 74 6.29 -23.30 -10.19
N ALA C 75 5.79 -24.28 -9.44
CA ALA C 75 6.48 -24.80 -8.26
C ALA C 75 7.71 -25.61 -8.65
N GLN C 76 7.72 -26.13 -9.87
CA GLN C 76 8.82 -26.94 -10.39
C GLN C 76 10.15 -26.19 -10.28
N ASP C 77 10.09 -24.88 -10.50
CA ASP C 77 11.27 -24.04 -10.55
C ASP C 77 11.89 -23.74 -9.18
N PHE C 78 11.32 -24.33 -8.13
CA PHE C 78 11.80 -24.08 -6.78
C PHE C 78 12.33 -25.35 -6.13
N LYS C 79 11.58 -26.44 -6.28
CA LYS C 79 11.96 -27.73 -5.74
C LYS C 79 11.40 -28.88 -6.58
N THR C 80 12.21 -29.90 -6.80
CA THR C 80 11.81 -31.03 -7.63
C THR C 80 10.97 -31.98 -6.78
N ASP C 81 9.90 -32.50 -7.39
CA ASP C 81 9.01 -33.44 -6.72
C ASP C 81 8.38 -32.88 -5.44
N LEU C 82 7.65 -31.77 -5.59
CA LEU C 82 6.93 -31.13 -4.50
C LEU C 82 5.56 -31.77 -4.35
N ARG C 83 5.12 -31.94 -3.10
CA ARG C 83 3.77 -32.41 -2.83
C ARG C 83 2.90 -31.28 -2.28
N PHE C 84 1.61 -31.31 -2.58
CA PHE C 84 0.72 -30.23 -2.14
C PHE C 84 -0.47 -30.74 -1.33
N GLN C 85 -0.74 -30.08 -0.20
CA GLN C 85 -2.00 -30.27 0.50
C GLN C 85 -3.14 -29.72 -0.34
N SER C 86 -4.28 -30.40 -0.32
CA SER C 86 -5.44 -29.95 -1.09
C SER C 86 -5.77 -28.51 -0.74
N SER C 87 -5.73 -28.21 0.55
CA SER C 87 -6.05 -26.88 1.06
C SER C 87 -5.04 -25.83 0.63
N ALA C 88 -3.79 -26.25 0.43
CA ALA C 88 -2.75 -25.34 -0.04
C ALA C 88 -3.04 -24.82 -1.44
N VAL C 89 -3.55 -25.70 -2.30
CA VAL C 89 -3.90 -25.31 -3.66
C VAL C 89 -5.13 -24.40 -3.65
N MET C 90 -6.06 -24.69 -2.75
CA MET C 90 -7.26 -23.87 -2.63
C MET C 90 -6.92 -22.48 -2.11
N ALA C 91 -6.05 -22.43 -1.10
CA ALA C 91 -5.62 -21.16 -0.54
C ALA C 91 -4.97 -20.29 -1.60
N LEU C 92 -4.24 -20.93 -2.51
CA LEU C 92 -3.59 -20.21 -3.60
C LEU C 92 -4.62 -19.68 -4.60
N GLN C 93 -5.60 -20.51 -4.94
CA GLN C 93 -6.64 -20.12 -5.89
C GLN C 93 -7.53 -19.02 -5.33
N GLU C 94 -7.89 -19.15 -4.05
CA GLU C 94 -8.66 -18.12 -3.36
C GLU C 94 -7.94 -16.79 -3.40
N ALA C 95 -6.66 -16.82 -3.05
CA ALA C 95 -5.82 -15.62 -3.05
C ALA C 95 -5.60 -15.06 -4.45
N SER C 96 -5.48 -15.95 -5.43
CA SER C 96 -5.24 -15.55 -6.82
C SER C 96 -6.43 -14.82 -7.43
N GLU C 97 -7.62 -15.36 -7.25
CA GLU C 97 -8.82 -14.75 -7.81
C GLU C 97 -9.13 -13.44 -7.11
N ALA C 98 -8.95 -13.41 -5.79
CA ALA C 98 -9.15 -12.20 -5.01
C ALA C 98 -8.21 -11.08 -5.47
N TYR C 99 -6.98 -11.44 -5.81
CA TYR C 99 -6.01 -10.45 -6.30
C TYR C 99 -6.43 -9.87 -7.65
N LEU C 100 -6.74 -10.76 -8.57
CA LEU C 100 -7.12 -10.38 -9.93
C LEU C 100 -8.42 -9.58 -9.96
N VAL C 101 -9.42 -10.02 -9.20
CA VAL C 101 -10.70 -9.32 -9.13
C VAL C 101 -10.51 -7.87 -8.70
N GLY C 102 -9.74 -7.66 -7.63
CA GLY C 102 -9.46 -6.32 -7.15
C GLY C 102 -8.71 -5.53 -8.21
N LEU C 103 -7.76 -6.18 -8.87
CA LEU C 103 -6.98 -5.55 -9.93
C LEU C 103 -7.89 -5.08 -11.07
N PHE C 104 -8.91 -5.85 -11.39
CA PHE C 104 -9.84 -5.48 -12.44
C PHE C 104 -10.67 -4.25 -12.04
N GLU C 105 -10.97 -4.16 -10.74
CA GLU C 105 -11.67 -3.00 -10.20
C GLU C 105 -10.86 -1.72 -10.45
N ASP C 106 -9.55 -1.81 -10.22
CA ASP C 106 -8.66 -0.68 -10.43
C ASP C 106 -8.47 -0.42 -11.92
N THR C 107 -8.32 -1.49 -12.69
CA THR C 107 -8.20 -1.39 -14.14
C THR C 107 -9.43 -0.69 -14.73
N ASN C 108 -10.60 -0.99 -14.16
CA ASN C 108 -11.84 -0.40 -14.63
C ASN C 108 -11.85 1.11 -14.41
N LEU C 109 -11.41 1.54 -13.23
CA LEU C 109 -11.37 2.95 -12.90
C LEU C 109 -10.42 3.71 -13.81
N CYS C 110 -9.36 3.03 -14.23
CA CYS C 110 -8.38 3.64 -15.12
C CYS C 110 -8.95 3.83 -16.52
N ALA C 111 -9.63 2.80 -17.02
CA ALA C 111 -10.31 2.88 -18.31
C ALA C 111 -11.34 3.99 -18.33
N ILE C 112 -12.20 4.01 -17.33
CA ILE C 112 -13.24 5.03 -17.18
C ILE C 112 -12.64 6.42 -17.10
N HIS C 113 -11.52 6.53 -16.39
CA HIS C 113 -10.81 7.80 -16.24
C HIS C 113 -10.41 8.36 -17.59
N ALA C 114 -10.08 7.46 -18.51
CA ALA C 114 -9.67 7.85 -19.86
C ALA C 114 -10.88 7.95 -20.77
N LYS C 115 -12.06 8.14 -20.18
CA LYS C 115 -13.32 8.26 -20.90
C LYS C 115 -13.58 7.05 -21.80
N ARG C 116 -13.38 5.85 -21.27
CA ARG C 116 -13.67 4.62 -21.98
C ARG C 116 -14.49 3.69 -21.12
N VAL C 117 -15.08 2.67 -21.74
CA VAL C 117 -15.82 1.66 -21.00
C VAL C 117 -15.19 0.30 -21.27
N THR C 118 -14.13 0.31 -22.06
CA THR C 118 -13.41 -0.90 -22.43
C THR C 118 -12.03 -0.95 -21.78
N ILE C 119 -11.81 -1.92 -20.89
CA ILE C 119 -10.48 -2.05 -20.29
C ILE C 119 -9.47 -2.50 -21.34
N MET C 120 -8.30 -1.89 -21.30
CA MET C 120 -7.24 -2.17 -22.26
C MET C 120 -5.92 -2.44 -21.53
N PRO C 121 -4.95 -3.07 -22.23
CA PRO C 121 -3.65 -3.36 -21.62
C PRO C 121 -3.05 -2.15 -20.91
N LYS C 122 -3.17 -0.98 -21.52
CA LYS C 122 -2.63 0.26 -20.95
C LYS C 122 -3.32 0.64 -19.64
N ASP C 123 -4.54 0.14 -19.45
CA ASP C 123 -5.28 0.36 -18.21
C ASP C 123 -4.71 -0.45 -17.06
N ILE C 124 -4.40 -1.72 -17.34
CA ILE C 124 -3.80 -2.61 -16.35
C ILE C 124 -2.43 -2.10 -15.92
N GLN C 125 -1.67 -1.57 -16.88
CA GLN C 125 -0.32 -1.10 -16.62
C GLN C 125 -0.32 0.10 -15.68
N LEU C 126 -1.24 1.04 -15.89
CA LEU C 126 -1.34 2.20 -15.02
C LEU C 126 -1.70 1.82 -13.58
N ALA C 127 -2.74 1.00 -13.44
CA ALA C 127 -3.18 0.55 -12.12
C ALA C 127 -2.06 -0.12 -11.34
N ARG C 128 -1.38 -1.06 -11.99
CA ARG C 128 -0.30 -1.81 -11.37
C ARG C 128 0.90 -0.94 -11.05
N ARG C 129 1.17 0.05 -11.90
CA ARG C 129 2.28 0.96 -11.66
C ARG C 129 2.07 1.78 -10.38
N ILE C 130 0.89 2.38 -10.22
CA ILE C 130 0.62 3.12 -9.00
C ILE C 130 0.71 2.18 -7.79
N ARG C 131 0.20 0.97 -7.97
CA ARG C 131 0.22 -0.08 -6.96
C ARG C 131 1.64 -0.53 -6.61
N GLY C 132 2.47 -0.67 -7.64
CA GLY C 132 3.84 -1.12 -7.49
C GLY C 132 4.06 -2.45 -8.19
N GLU C 133 5.30 -2.93 -8.20
CA GLU C 133 5.65 -4.20 -8.84
C GLU C 133 5.32 -4.20 -10.33
N ARG C 134 5.94 -3.29 -11.08
CA ARG C 134 5.71 -3.20 -12.52
C ARG C 134 6.09 -4.51 -13.21
N ALA C 135 5.27 -4.89 -14.19
CA ALA C 135 5.42 -6.16 -14.89
C ALA C 135 5.39 -7.34 -13.94
N ASN D 25 0.47 -25.14 -20.81
CA ASN D 25 -0.72 -25.32 -20.00
C ASN D 25 -1.16 -24.03 -19.31
N ILE D 26 -0.33 -23.01 -19.39
CA ILE D 26 -0.65 -21.71 -18.80
C ILE D 26 -1.78 -21.10 -19.61
N GLN D 27 -1.93 -21.62 -20.82
CA GLN D 27 -3.02 -21.24 -21.72
C GLN D 27 -4.34 -21.80 -21.20
N GLY D 28 -4.24 -22.67 -20.19
CA GLY D 28 -5.40 -23.25 -19.54
C GLY D 28 -6.30 -22.25 -18.84
N ILE D 29 -5.71 -21.24 -18.20
CA ILE D 29 -6.53 -20.18 -17.61
C ILE D 29 -7.09 -19.39 -18.79
N THR D 30 -8.32 -19.73 -19.16
CA THR D 30 -8.95 -19.26 -20.40
C THR D 30 -9.74 -17.96 -20.33
N LYS D 31 -10.13 -17.51 -21.51
CA LYS D 31 -10.96 -16.32 -21.70
C LYS D 31 -12.25 -16.33 -20.87
N PRO D 32 -13.09 -17.38 -20.98
CA PRO D 32 -14.34 -17.31 -20.22
C PRO D 32 -14.11 -17.28 -18.70
N ALA D 33 -13.00 -17.84 -18.24
CA ALA D 33 -12.67 -17.82 -16.82
C ALA D 33 -12.18 -16.43 -16.43
N ILE D 34 -11.37 -15.84 -17.31
CA ILE D 34 -10.86 -14.50 -17.08
C ILE D 34 -12.01 -13.49 -17.13
N ARG D 35 -12.87 -13.62 -18.13
CA ARG D 35 -13.99 -12.69 -18.29
C ARG D 35 -15.00 -12.68 -17.15
N ARG D 36 -15.19 -13.80 -16.44
CA ARG D 36 -16.06 -13.79 -15.27
C ARG D 36 -15.46 -12.92 -14.17
N LEU D 37 -14.19 -13.17 -13.86
CA LEU D 37 -13.45 -12.37 -12.88
C LEU D 37 -13.55 -10.87 -13.17
N ALA D 38 -13.40 -10.50 -14.43
CA ALA D 38 -13.51 -9.10 -14.80
C ALA D 38 -14.92 -8.59 -14.49
N ARG D 39 -15.92 -9.40 -14.81
CA ARG D 39 -17.31 -9.07 -14.52
C ARG D 39 -17.51 -8.81 -13.04
N ARG D 40 -16.90 -9.67 -12.21
CA ARG D 40 -16.97 -9.52 -10.77
C ARG D 40 -16.21 -8.26 -10.32
N GLY D 41 -15.26 -7.84 -11.14
CA GLY D 41 -14.53 -6.62 -10.84
C GLY D 41 -15.32 -5.41 -11.28
N GLY D 42 -16.41 -5.66 -11.99
CA GLY D 42 -17.30 -4.61 -12.45
C GLY D 42 -17.03 -4.18 -13.87
N VAL D 43 -16.16 -4.92 -14.56
CA VAL D 43 -15.79 -4.60 -15.94
C VAL D 43 -16.90 -4.98 -16.91
N LYS D 44 -17.17 -4.10 -17.87
CA LYS D 44 -18.26 -4.30 -18.81
C LYS D 44 -17.74 -4.64 -20.22
N ARG D 45 -16.62 -4.05 -20.60
CA ARG D 45 -16.04 -4.30 -21.91
C ARG D 45 -14.55 -4.59 -21.81
N ILE D 46 -14.10 -5.59 -22.56
CA ILE D 46 -12.74 -6.12 -22.44
C ILE D 46 -12.03 -6.23 -23.78
N SER D 47 -10.87 -5.59 -23.88
CA SER D 47 -10.04 -5.68 -25.06
C SER D 47 -9.45 -7.09 -25.19
N GLY D 48 -9.38 -7.60 -26.42
CA GLY D 48 -8.87 -8.95 -26.65
C GLY D 48 -7.45 -9.17 -26.15
N LEU D 49 -6.68 -8.10 -26.08
CA LEU D 49 -5.29 -8.18 -25.65
C LEU D 49 -5.18 -8.39 -24.13
N ILE D 50 -6.27 -8.13 -23.42
CA ILE D 50 -6.30 -8.24 -21.95
C ILE D 50 -6.00 -9.65 -21.45
N TYR D 51 -6.48 -10.66 -22.17
CA TYR D 51 -6.42 -12.04 -21.72
C TYR D 51 -5.00 -12.58 -21.54
N GLU D 52 -4.12 -12.36 -22.52
CA GLU D 52 -2.73 -12.78 -22.36
C GLU D 52 -2.01 -12.00 -21.25
N GLU D 53 -2.30 -10.71 -21.14
CA GLU D 53 -1.69 -9.88 -20.10
C GLU D 53 -2.07 -10.38 -18.72
N THR D 54 -3.31 -10.84 -18.60
CA THR D 54 -3.82 -11.32 -17.33
C THR D 54 -3.10 -12.62 -16.99
N ARG D 55 -2.91 -13.50 -17.97
CA ARG D 55 -2.18 -14.72 -17.71
C ARG D 55 -0.79 -14.40 -17.17
N GLY D 56 -0.16 -13.38 -17.77
CA GLY D 56 1.16 -12.96 -17.33
C GLY D 56 1.24 -12.35 -15.94
N VAL D 57 0.31 -11.46 -15.61
CA VAL D 57 0.26 -10.85 -14.28
C VAL D 57 0.04 -11.94 -13.23
N LEU D 58 -0.88 -12.87 -13.52
CA LEU D 58 -1.21 -13.96 -12.61
C LEU D 58 0.00 -14.86 -12.36
N LYS D 59 0.74 -15.20 -13.40
CA LYS D 59 1.93 -16.04 -13.25
C LYS D 59 2.90 -15.39 -12.27
N VAL D 60 3.18 -14.11 -12.50
CA VAL D 60 4.05 -13.33 -11.63
C VAL D 60 3.56 -13.39 -10.19
N PHE D 61 2.29 -13.11 -9.99
CA PHE D 61 1.68 -13.14 -8.67
C PHE D 61 1.94 -14.49 -8.01
N LEU D 62 1.61 -15.55 -8.74
CA LEU D 62 1.79 -16.90 -8.25
C LEU D 62 3.25 -17.24 -7.99
N GLU D 63 4.15 -16.84 -8.88
CA GLU D 63 5.59 -17.08 -8.69
C GLU D 63 6.09 -16.55 -7.35
N ASN D 64 5.75 -15.30 -7.03
CA ASN D 64 6.17 -14.66 -5.79
C ASN D 64 5.66 -15.40 -4.55
N VAL D 65 4.36 -15.70 -4.55
CA VAL D 65 3.73 -16.35 -3.40
C VAL D 65 4.22 -17.78 -3.26
N ILE D 66 4.25 -18.52 -4.36
CA ILE D 66 4.72 -19.91 -4.33
C ILE D 66 6.18 -19.94 -3.89
N ARG D 67 6.96 -18.96 -4.31
CA ARG D 67 8.38 -18.88 -3.93
C ARG D 67 8.55 -18.83 -2.43
N ASP D 68 7.83 -17.91 -1.79
CA ASP D 68 7.88 -17.77 -0.34
C ASP D 68 7.29 -19.00 0.36
N ALA D 69 6.22 -19.54 -0.19
CA ALA D 69 5.59 -20.74 0.35
C ALA D 69 6.58 -21.89 0.44
N VAL D 70 7.26 -22.18 -0.67
CA VAL D 70 8.24 -23.26 -0.74
C VAL D 70 9.41 -22.98 0.20
N THR D 71 9.76 -21.71 0.35
CA THR D 71 10.84 -21.30 1.24
C THR D 71 10.51 -21.69 2.68
N TYR D 72 9.25 -21.50 3.07
CA TYR D 72 8.76 -21.94 4.37
C TYR D 72 8.80 -23.45 4.49
N THR D 73 8.43 -24.12 3.39
CA THR D 73 8.37 -25.58 3.36
C THR D 73 9.75 -26.20 3.60
N GLU D 74 10.77 -25.62 2.96
CA GLU D 74 12.14 -26.10 3.08
C GLU D 74 12.73 -25.85 4.46
N HIS D 75 12.34 -24.75 5.10
CA HIS D 75 12.84 -24.45 6.44
C HIS D 75 12.34 -25.49 7.43
N ALA D 76 11.13 -25.97 7.23
CA ALA D 76 10.54 -26.98 8.09
C ALA D 76 11.05 -28.37 7.74
N LYS D 77 11.91 -28.42 6.73
CA LYS D 77 12.48 -29.67 6.21
C LYS D 77 11.39 -30.61 5.73
N ARG D 78 10.40 -30.07 5.02
CA ARG D 78 9.32 -30.88 4.50
C ARG D 78 9.35 -30.93 2.99
N LYS D 79 8.75 -31.98 2.43
CA LYS D 79 8.65 -32.12 0.98
C LYS D 79 7.23 -31.82 0.52
N THR D 80 6.36 -31.53 1.47
CA THR D 80 4.97 -31.24 1.15
C THR D 80 4.64 -29.82 1.61
N VAL D 81 4.19 -28.98 0.67
CA VAL D 81 3.75 -27.63 0.99
C VAL D 81 2.40 -27.65 1.71
N THR D 82 2.38 -27.19 2.95
CA THR D 82 1.13 -27.18 3.70
C THR D 82 0.41 -25.87 3.47
N ALA D 83 -0.86 -25.82 3.88
CA ALA D 83 -1.70 -24.64 3.73
C ALA D 83 -1.16 -23.46 4.52
N MET D 84 -0.56 -23.75 5.67
CA MET D 84 0.00 -22.73 6.53
C MET D 84 1.16 -22.02 5.81
N ASP D 85 1.95 -22.78 5.07
CA ASP D 85 3.06 -22.25 4.29
C ASP D 85 2.58 -21.18 3.31
N VAL D 86 1.42 -21.44 2.71
CA VAL D 86 0.82 -20.51 1.76
C VAL D 86 0.28 -19.30 2.52
N VAL D 87 -0.31 -19.56 3.68
CA VAL D 87 -0.87 -18.50 4.51
C VAL D 87 0.25 -17.58 4.99
N TYR D 88 1.32 -18.16 5.54
CA TYR D 88 2.46 -17.38 6.00
C TYR D 88 3.06 -16.56 4.87
N ALA D 89 3.11 -17.14 3.67
CA ALA D 89 3.65 -16.46 2.50
C ALA D 89 2.80 -15.23 2.16
N LEU D 90 1.49 -15.43 2.12
CA LEU D 90 0.55 -14.34 1.81
C LEU D 90 0.63 -13.22 2.84
N LYS D 91 0.78 -13.59 4.11
CA LYS D 91 0.90 -12.60 5.17
C LYS D 91 2.17 -11.78 4.98
N ARG D 92 3.27 -12.46 4.61
CA ARG D 92 4.54 -11.77 4.40
C ARG D 92 4.45 -10.67 3.33
N GLN D 93 3.51 -10.82 2.41
CA GLN D 93 3.39 -9.90 1.30
C GLN D 93 2.22 -8.95 1.49
N GLY D 94 1.69 -8.94 2.72
CA GLY D 94 0.58 -8.08 3.08
C GLY D 94 -0.73 -8.46 2.43
N ARG D 95 -0.94 -9.76 2.21
CA ARG D 95 -2.19 -10.22 1.65
C ARG D 95 -2.77 -11.39 2.46
N THR D 96 -2.89 -11.16 3.77
CA THR D 96 -3.41 -12.13 4.73
C THR D 96 -4.72 -12.78 4.27
N LEU D 97 -4.85 -14.09 4.52
CA LEU D 97 -6.06 -14.81 4.13
C LEU D 97 -6.70 -15.54 5.31
N TYR D 98 -8.00 -15.32 5.45
CA TYR D 98 -8.82 -15.94 6.50
C TYR D 98 -9.63 -17.10 5.94
N GLY D 99 -9.74 -18.20 6.69
CA GLY D 99 -10.60 -19.30 6.30
C GLY D 99 -9.80 -20.51 5.87
N PHE D 100 -8.59 -20.58 6.39
CA PHE D 100 -7.66 -21.68 6.15
C PHE D 100 -6.83 -21.89 7.40
N GLY D 101 -7.15 -21.08 8.42
CA GLY D 101 -6.45 -21.08 9.68
C GLY D 101 -5.53 -19.88 9.82
N GLY D 102 -4.27 -20.12 10.14
CA GLY D 102 -3.34 -19.02 10.36
C GLY D 102 -3.51 -18.40 11.73
N LYS E 14 41.22 -12.72 21.23
CA LYS E 14 40.94 -12.36 19.84
C LYS E 14 39.46 -12.01 19.66
N SER E 15 39.19 -10.83 19.09
CA SER E 15 37.81 -10.38 18.91
C SER E 15 37.00 -11.40 18.12
N ARG E 16 35.71 -11.52 18.43
CA ARG E 16 34.84 -12.44 17.70
C ARG E 16 34.60 -12.00 16.25
N SER E 17 34.69 -10.70 15.99
CA SER E 17 34.52 -10.16 14.65
C SER E 17 35.57 -10.68 13.68
N ASN E 18 36.81 -10.69 14.15
CA ASN E 18 37.97 -11.12 13.38
C ASN E 18 37.94 -12.60 13.03
N ARG E 19 37.42 -13.42 13.93
CA ARG E 19 37.30 -14.84 13.70
C ARG E 19 36.35 -15.16 12.54
N ALA E 20 35.39 -14.27 12.30
CA ALA E 20 34.44 -14.48 11.21
C ALA E 20 34.85 -13.61 10.01
N GLY E 21 35.93 -12.86 10.21
CA GLY E 21 36.45 -11.96 9.18
C GLY E 21 35.46 -10.88 8.84
N LEU E 22 34.80 -10.33 9.87
CA LEU E 22 33.78 -9.32 9.65
C LEU E 22 34.18 -7.97 10.24
N GLN E 23 33.61 -6.90 9.69
CA GLN E 23 33.81 -5.56 10.23
C GLN E 23 32.73 -5.23 11.25
N PHE E 24 31.50 -5.65 10.96
CA PHE E 24 30.38 -5.43 11.85
C PHE E 24 30.53 -6.24 13.14
N PRO E 25 30.02 -5.69 14.26
CA PRO E 25 30.23 -6.25 15.60
C PRO E 25 29.40 -7.51 15.87
N VAL E 26 30.06 -8.66 15.77
CA VAL E 26 29.43 -9.95 16.06
C VAL E 26 28.92 -9.95 17.49
N GLY E 27 29.73 -9.42 18.40
CA GLY E 27 29.38 -9.37 19.80
C GLY E 27 28.15 -8.52 20.07
N ARG E 28 28.09 -7.33 19.49
CA ARG E 28 26.94 -6.45 19.66
C ARG E 28 25.65 -7.06 19.12
N ILE E 29 25.71 -7.65 17.93
CA ILE E 29 24.56 -8.31 17.32
C ILE E 29 24.05 -9.45 18.20
N HIS E 30 24.98 -10.21 18.77
CA HIS E 30 24.64 -11.32 19.65
C HIS E 30 23.88 -10.84 20.88
N ARG E 31 24.33 -9.72 21.44
CA ARG E 31 23.70 -9.12 22.61
C ARG E 31 22.30 -8.62 22.26
N LEU E 32 22.21 -7.88 21.16
CA LEU E 32 20.94 -7.34 20.67
C LEU E 32 19.91 -8.44 20.46
N LEU E 33 20.37 -9.61 20.02
CA LEU E 33 19.52 -10.76 19.81
C LEU E 33 18.99 -11.30 21.13
N ARG E 34 19.87 -11.43 22.11
CA ARG E 34 19.49 -11.94 23.43
C ARG E 34 18.49 -11.03 24.12
N LYS E 35 18.73 -9.73 24.06
CA LYS E 35 17.88 -8.77 24.76
C LYS E 35 16.81 -8.19 23.86
N GLY E 36 16.48 -8.86 22.77
CA GLY E 36 15.51 -8.32 21.83
C GLY E 36 14.17 -9.01 21.77
N ASN E 37 13.96 -10.00 22.63
CA ASN E 37 12.70 -10.73 22.68
C ASN E 37 12.38 -11.44 21.36
N TYR E 38 13.26 -12.33 20.92
CA TYR E 38 13.05 -13.05 19.68
C TYR E 38 12.92 -14.55 19.92
N ALA E 39 13.69 -15.06 20.87
CA ALA E 39 13.64 -16.48 21.22
C ALA E 39 14.26 -16.71 22.60
N GLU E 40 13.91 -17.83 23.21
CA GLU E 40 14.48 -18.21 24.49
C GLU E 40 16.00 -18.31 24.43
N ARG E 41 16.49 -18.84 23.31
CA ARG E 41 17.92 -19.06 23.13
C ARG E 41 18.37 -18.62 21.74
N VAL E 42 19.64 -18.29 21.61
CA VAL E 42 20.22 -17.86 20.34
C VAL E 42 21.43 -18.70 19.97
N GLY E 43 21.39 -19.28 18.76
CA GLY E 43 22.47 -20.14 18.29
C GLY E 43 23.79 -19.41 18.14
N ALA E 44 24.88 -20.16 18.15
CA ALA E 44 26.22 -19.60 18.07
C ALA E 44 26.49 -18.99 16.69
N GLY E 45 25.89 -19.56 15.66
CA GLY E 45 26.13 -19.11 14.30
C GLY E 45 25.22 -17.98 13.87
N ALA E 46 24.11 -17.80 14.58
CA ALA E 46 23.13 -16.77 14.26
C ALA E 46 23.74 -15.36 14.16
N PRO E 47 24.48 -14.91 15.20
CA PRO E 47 25.04 -13.55 15.11
C PRO E 47 26.02 -13.40 13.95
N VAL E 48 26.85 -14.41 13.75
CA VAL E 48 27.83 -14.42 12.66
C VAL E 48 27.17 -14.32 11.29
N TYR E 49 26.14 -15.13 11.06
CA TYR E 49 25.43 -15.13 9.79
C TYR E 49 24.78 -13.77 9.54
N LEU E 50 24.16 -13.24 10.59
CA LEU E 50 23.45 -11.97 10.50
C LEU E 50 24.38 -10.78 10.26
N ALA E 51 25.47 -10.71 11.00
CA ALA E 51 26.44 -9.62 10.84
C ALA E 51 27.04 -9.59 9.43
N ALA E 52 27.30 -10.76 8.86
CA ALA E 52 27.83 -10.86 7.50
C ALA E 52 26.85 -10.29 6.48
N VAL E 53 25.58 -10.62 6.65
CA VAL E 53 24.53 -10.15 5.76
C VAL E 53 24.34 -8.64 5.90
N MET E 54 24.38 -8.16 7.14
CA MET E 54 24.28 -6.73 7.40
C MET E 54 25.46 -5.99 6.77
N GLU E 55 26.64 -6.56 6.94
CA GLU E 55 27.86 -5.98 6.37
C GLU E 55 27.84 -5.94 4.86
N TYR E 56 27.34 -7.01 4.24
CA TYR E 56 27.26 -7.09 2.80
C TYR E 56 26.35 -6.01 2.24
N LEU E 57 25.15 -5.89 2.80
CA LEU E 57 24.21 -4.88 2.35
C LEU E 57 24.77 -3.48 2.55
N ALA E 58 25.44 -3.28 3.67
CA ALA E 58 26.08 -1.99 3.96
C ALA E 58 27.17 -1.69 2.94
N ALA E 59 27.93 -2.73 2.60
CA ALA E 59 29.01 -2.61 1.62
C ALA E 59 28.46 -2.33 0.23
N GLU E 60 27.38 -3.04 -0.11
CA GLU E 60 26.72 -2.92 -1.41
C GLU E 60 26.28 -1.48 -1.68
N VAL E 61 25.70 -0.83 -0.67
CA VAL E 61 25.20 0.52 -0.82
C VAL E 61 26.36 1.51 -0.78
N LEU E 62 27.32 1.26 0.11
CA LEU E 62 28.48 2.13 0.25
C LEU E 62 29.30 2.09 -1.04
N GLU E 63 29.27 0.95 -1.73
CA GLU E 63 29.96 0.79 -3.00
C GLU E 63 29.33 1.63 -4.11
N LEU E 64 28.03 1.47 -4.27
CA LEU E 64 27.25 2.22 -5.25
C LEU E 64 27.25 3.73 -5.00
N ALA E 65 27.15 4.10 -3.72
CA ALA E 65 27.17 5.50 -3.31
C ALA E 65 28.52 6.14 -3.65
N GLY E 66 29.61 5.47 -3.30
CA GLY E 66 30.93 5.98 -3.61
C GLY E 66 31.09 6.30 -5.08
N ASN E 67 30.69 5.36 -5.93
CA ASN E 67 30.71 5.58 -7.37
C ASN E 67 29.89 6.80 -7.78
N ALA E 68 28.73 6.96 -7.14
CA ALA E 68 27.81 8.06 -7.42
C ALA E 68 28.37 9.45 -7.10
N ALA E 69 29.04 9.57 -5.96
CA ALA E 69 29.68 10.83 -5.56
C ALA E 69 30.80 11.23 -6.51
N ARG E 70 31.59 10.24 -6.90
CA ARG E 70 32.71 10.42 -7.83
C ARG E 70 32.20 10.92 -9.18
N ASP E 71 31.04 10.41 -9.61
CA ASP E 71 30.46 10.78 -10.90
C ASP E 71 30.02 12.24 -10.88
N ASN E 72 29.83 12.80 -9.69
CA ASN E 72 29.44 14.20 -9.57
C ASN E 72 30.66 15.00 -9.11
N LYS E 73 31.82 14.36 -9.22
CA LYS E 73 33.13 14.94 -8.94
C LYS E 73 33.33 15.31 -7.48
N LYS E 74 32.73 14.51 -6.59
CA LYS E 74 32.91 14.71 -5.16
C LYS E 74 33.52 13.46 -4.53
N THR E 75 34.23 13.65 -3.43
CA THR E 75 34.86 12.54 -2.71
C THR E 75 34.16 12.21 -1.41
N ARG E 76 33.27 13.10 -0.97
CA ARG E 76 32.51 12.82 0.25
C ARG E 76 31.05 12.51 -0.10
N ILE E 77 30.56 11.41 0.47
CA ILE E 77 29.19 10.94 0.25
C ILE E 77 28.15 11.80 0.96
N ILE E 78 27.08 12.12 0.25
CA ILE E 78 25.97 12.88 0.81
C ILE E 78 24.65 12.12 0.53
N PRO E 79 23.57 12.43 1.29
CA PRO E 79 22.27 11.75 1.10
C PRO E 79 21.86 11.55 -0.36
N ARG E 80 22.09 12.58 -1.17
CA ARG E 80 21.77 12.56 -2.59
C ARG E 80 22.43 11.37 -3.30
N HIS E 81 23.70 11.13 -2.99
CA HIS E 81 24.42 10.03 -3.61
C HIS E 81 23.83 8.68 -3.23
N LEU E 82 23.36 8.57 -2.00
CA LEU E 82 22.68 7.35 -1.56
C LEU E 82 21.38 7.12 -2.32
N GLN E 83 20.57 8.16 -2.44
CA GLN E 83 19.31 8.08 -3.17
C GLN E 83 19.53 7.67 -4.62
N LEU E 84 20.51 8.30 -5.27
CA LEU E 84 20.83 7.98 -6.65
C LEU E 84 21.33 6.54 -6.81
N ALA E 85 22.23 6.15 -5.93
CA ALA E 85 22.80 4.80 -5.90
C ALA E 85 21.75 3.70 -5.80
N ILE E 86 20.80 3.89 -4.89
CA ILE E 86 19.77 2.89 -4.62
C ILE E 86 18.74 2.80 -5.73
N ARG E 87 18.13 3.93 -6.09
CA ARG E 87 17.04 3.93 -7.05
C ARG E 87 17.49 3.54 -8.46
N ASN E 88 18.80 3.55 -8.70
CA ASN E 88 19.33 3.15 -10.00
C ASN E 88 19.73 1.68 -10.01
N ASP E 89 19.83 1.08 -8.83
CA ASP E 89 20.14 -0.33 -8.72
C ASP E 89 18.85 -1.12 -8.52
N GLU E 90 18.41 -1.79 -9.58
CA GLU E 90 17.17 -2.56 -9.60
C GLU E 90 16.90 -3.34 -8.31
N GLU E 91 17.90 -4.08 -7.84
CA GLU E 91 17.71 -4.93 -6.67
C GLU E 91 17.55 -4.11 -5.39
N LEU E 92 18.43 -3.13 -5.18
CA LEU E 92 18.33 -2.26 -4.00
C LEU E 92 17.05 -1.44 -3.96
N ASN E 93 16.61 -0.96 -5.12
CA ASN E 93 15.37 -0.22 -5.24
C ASN E 93 14.18 -1.02 -4.71
N LYS E 94 14.10 -2.27 -5.14
CA LYS E 94 13.03 -3.15 -4.72
C LYS E 94 13.10 -3.34 -3.19
N LEU E 95 14.30 -3.63 -2.71
CA LEU E 95 14.55 -3.82 -1.28
C LEU E 95 14.16 -2.62 -0.43
N LEU E 96 14.33 -1.42 -0.99
CA LEU E 96 14.01 -0.18 -0.29
C LEU E 96 12.88 0.58 -0.98
N SER E 97 11.87 -0.17 -1.43
CA SER E 97 10.74 0.41 -2.15
C SER E 97 9.81 1.24 -1.25
N GLY E 98 9.84 0.98 0.05
CA GLY E 98 9.00 1.73 0.96
C GLY E 98 9.74 2.57 1.98
N VAL E 99 10.97 2.95 1.64
CA VAL E 99 11.76 3.83 2.50
C VAL E 99 11.97 5.20 1.85
N THR E 100 11.96 6.24 2.67
CA THR E 100 12.20 7.60 2.19
C THR E 100 13.50 8.13 2.80
N ILE E 101 14.43 8.51 1.93
CA ILE E 101 15.73 9.02 2.36
C ILE E 101 15.74 10.54 2.47
N ALA E 102 15.97 11.03 3.69
CA ALA E 102 15.95 12.46 3.97
C ALA E 102 17.01 13.23 3.18
N GLN E 103 16.58 14.33 2.59
CA GLN E 103 17.44 15.21 1.78
C GLN E 103 18.06 14.45 0.63
N GLY E 104 17.33 13.47 0.11
CA GLY E 104 17.84 12.64 -0.97
C GLY E 104 17.35 13.10 -2.32
N GLY E 105 16.22 13.78 -2.34
CA GLY E 105 15.62 14.27 -3.58
C GLY E 105 15.12 13.09 -4.39
N VAL E 106 14.95 13.31 -5.69
CA VAL E 106 14.48 12.25 -6.58
C VAL E 106 15.32 12.22 -7.86
N LEU E 107 15.23 11.11 -8.60
CA LEU E 107 15.90 10.99 -9.89
C LEU E 107 15.18 11.79 -10.98
N PRO E 108 15.96 12.49 -11.81
CA PRO E 108 15.43 13.22 -12.97
C PRO E 108 14.70 12.33 -13.97
N ASN E 109 13.38 12.50 -14.06
CA ASN E 109 12.57 11.75 -15.00
C ASN E 109 11.41 12.61 -15.50
N ILE E 110 11.51 13.08 -16.73
CA ILE E 110 10.43 13.85 -17.34
C ILE E 110 9.70 13.02 -18.39
N GLN E 111 8.39 12.88 -18.22
CA GLN E 111 7.56 12.11 -19.15
C GLN E 111 7.68 12.65 -20.57
N ALA E 112 7.84 11.74 -21.52
CA ALA E 112 8.07 12.06 -22.93
C ALA E 112 7.10 13.06 -23.58
N VAL E 113 5.80 12.91 -23.36
CA VAL E 113 4.83 13.79 -24.03
C VAL E 113 4.94 15.27 -23.64
N LEU E 114 5.51 15.56 -22.47
CA LEU E 114 5.64 16.93 -22.00
C LEU E 114 6.75 17.68 -22.72
N LEU E 115 7.69 16.95 -23.31
CA LEU E 115 8.77 17.59 -24.04
C LEU E 115 8.28 18.19 -25.35
N PRO E 116 8.94 19.25 -25.82
CA PRO E 116 8.55 19.96 -27.05
C PRO E 116 9.21 19.42 -28.31
N LYS E 117 8.66 19.78 -29.47
CA LYS E 117 9.18 19.35 -30.76
C LYS E 117 8.58 20.18 -31.88
N LYS F 29 26.11 9.72 30.03
CA LYS F 29 25.17 9.52 28.93
C LYS F 29 25.85 8.92 27.71
N ARG F 30 25.61 7.64 27.42
CA ARG F 30 26.27 7.05 26.27
C ARG F 30 25.30 6.30 25.38
N LYS F 31 25.26 6.69 24.11
CA LYS F 31 24.43 6.00 23.13
C LYS F 31 25.27 5.27 22.10
N GLU F 32 25.05 3.99 21.92
CA GLU F 32 25.88 3.21 21.03
C GLU F 32 25.31 3.28 19.60
N SER F 33 26.14 3.02 18.60
CA SER F 33 25.66 2.97 17.22
C SER F 33 26.61 2.24 16.27
N TYR F 34 26.13 1.97 15.06
CA TYR F 34 26.95 1.29 14.06
C TYR F 34 27.87 2.27 13.33
N ALA F 35 27.99 3.48 13.88
CA ALA F 35 28.77 4.56 13.26
C ALA F 35 30.17 4.13 12.84
N ILE F 36 30.92 3.62 13.80
CA ILE F 36 32.32 3.26 13.60
C ILE F 36 32.51 2.08 12.63
N TYR F 37 31.55 1.16 12.62
CA TYR F 37 31.62 -0.01 11.75
C TYR F 37 31.34 0.30 10.28
N ILE F 38 30.37 1.18 10.03
CA ILE F 38 30.04 1.61 8.67
C ILE F 38 31.21 2.32 7.99
N TYR F 39 31.98 3.08 8.76
CA TYR F 39 33.12 3.81 8.23
C TYR F 39 34.25 2.87 7.83
N LYS F 40 34.50 1.87 8.66
CA LYS F 40 35.52 0.86 8.38
C LYS F 40 35.19 0.13 7.08
N VAL F 41 33.91 -0.17 6.88
CA VAL F 41 33.44 -0.83 5.66
C VAL F 41 33.57 0.10 4.44
N LEU F 42 33.26 1.38 4.64
CA LEU F 42 33.36 2.38 3.59
C LEU F 42 34.79 2.47 3.10
N LYS F 43 35.72 2.38 4.04
CA LYS F 43 37.14 2.51 3.76
C LYS F 43 37.67 1.28 3.04
N GLN F 44 36.94 0.17 3.12
CA GLN F 44 37.33 -1.04 2.42
C GLN F 44 36.90 -1.03 0.95
N VAL F 45 35.79 -0.38 0.66
CA VAL F 45 35.26 -0.38 -0.70
C VAL F 45 35.71 0.86 -1.50
N HIS F 46 35.94 1.96 -0.79
CA HIS F 46 36.41 3.22 -1.36
C HIS F 46 37.21 4.02 -0.33
N PRO F 47 38.50 3.72 -0.21
CA PRO F 47 39.43 4.30 0.79
C PRO F 47 39.54 5.83 0.76
N ASP F 48 39.34 6.49 -0.39
CA ASP F 48 39.50 7.94 -0.44
C ASP F 48 38.17 8.67 -0.41
N THR F 49 37.13 7.98 0.06
CA THR F 49 35.82 8.60 0.09
C THR F 49 35.31 8.63 1.51
N GLY F 50 34.73 9.78 1.86
CA GLY F 50 34.17 9.98 3.18
C GLY F 50 32.67 10.03 3.12
N ILE F 51 32.05 10.38 4.24
CA ILE F 51 30.60 10.40 4.33
C ILE F 51 30.15 11.45 5.34
N SER F 52 29.16 12.23 4.96
CA SER F 52 28.63 13.27 5.84
C SER F 52 27.82 12.64 6.97
N SER F 53 27.73 13.35 8.08
CA SER F 53 27.03 12.85 9.27
C SER F 53 25.59 12.50 8.97
N LYS F 54 24.94 13.33 8.16
CA LYS F 54 23.55 13.09 7.78
C LYS F 54 23.46 11.82 6.94
N ALA F 55 24.45 11.62 6.08
CA ALA F 55 24.51 10.44 5.23
C ALA F 55 24.81 9.21 6.09
N MET F 56 25.68 9.41 7.09
CA MET F 56 26.03 8.36 8.04
C MET F 56 24.83 7.96 8.89
N SER F 57 24.03 8.95 9.25
CA SER F 57 22.80 8.70 10.00
C SER F 57 21.89 7.79 9.20
N ILE F 58 21.65 8.17 7.95
CA ILE F 58 20.86 7.37 7.03
C ILE F 58 21.39 5.93 6.95
N MET F 59 22.71 5.78 6.87
CA MET F 59 23.34 4.45 6.86
C MET F 59 23.13 3.70 8.17
N ASN F 60 23.20 4.42 9.28
CA ASN F 60 22.99 3.83 10.59
C ASN F 60 21.55 3.36 10.76
N SER F 61 20.62 4.18 10.28
CA SER F 61 19.21 3.82 10.36
C SER F 61 18.94 2.58 9.50
N PHE F 62 19.61 2.51 8.35
CA PHE F 62 19.44 1.39 7.44
C PHE F 62 19.90 0.04 8.00
N VAL F 63 21.08 0.01 8.62
CA VAL F 63 21.62 -1.21 9.20
C VAL F 63 20.74 -1.68 10.36
N ASN F 64 20.35 -0.74 11.21
CA ASN F 64 19.48 -0.99 12.35
C ASN F 64 18.12 -1.49 11.89
N ASP F 65 17.65 -0.94 10.78
CA ASP F 65 16.38 -1.33 10.18
C ASP F 65 16.49 -2.79 9.75
N ILE F 66 17.44 -3.07 8.87
CA ILE F 66 17.68 -4.43 8.37
C ILE F 66 17.83 -5.44 9.50
N PHE F 67 18.53 -5.04 10.56
CA PHE F 67 18.68 -5.91 11.74
C PHE F 67 17.30 -6.32 12.25
N GLU F 68 16.47 -5.32 12.51
CA GLU F 68 15.14 -5.51 13.08
C GLU F 68 14.23 -6.32 12.15
N ARG F 69 14.35 -6.06 10.85
CA ARG F 69 13.60 -6.78 9.83
C ARG F 69 13.89 -8.28 9.82
N ILE F 70 15.18 -8.60 9.75
CA ILE F 70 15.64 -9.99 9.68
C ILE F 70 15.33 -10.79 10.95
N ALA F 71 15.59 -10.18 12.10
CA ALA F 71 15.36 -10.80 13.40
C ALA F 71 13.88 -11.09 13.68
N ALA F 72 13.00 -10.17 13.29
CA ALA F 72 11.57 -10.36 13.50
C ALA F 72 11.11 -11.61 12.75
N GLU F 73 11.52 -11.75 11.50
CA GLU F 73 11.15 -12.91 10.70
C GLU F 73 11.73 -14.21 11.25
N ALA F 74 13.00 -14.18 11.64
CA ALA F 74 13.64 -15.35 12.22
C ALA F 74 12.89 -15.75 13.50
N SER F 75 12.45 -14.74 14.24
CA SER F 75 11.67 -14.97 15.46
C SER F 75 10.40 -15.72 15.10
N ARG F 76 9.71 -15.23 14.08
CA ARG F 76 8.47 -15.85 13.59
C ARG F 76 8.73 -17.26 13.05
N LEU F 77 9.85 -17.43 12.35
CA LEU F 77 10.22 -18.73 11.80
C LEU F 77 10.39 -19.76 12.90
N ALA F 78 11.11 -19.37 13.95
CA ALA F 78 11.34 -20.22 15.10
C ALA F 78 10.02 -20.56 15.79
N HIS F 79 9.11 -19.60 15.78
CA HIS F 79 7.81 -19.78 16.39
C HIS F 79 6.91 -20.75 15.61
N TYR F 80 6.78 -20.53 14.31
CA TYR F 80 5.94 -21.37 13.46
C TYR F 80 6.26 -22.86 13.54
N ASN F 81 7.53 -23.19 13.74
CA ASN F 81 7.96 -24.58 13.81
C ASN F 81 8.22 -25.05 15.24
N LYS F 82 7.63 -24.33 16.21
CA LYS F 82 7.70 -24.72 17.62
C LYS F 82 9.12 -24.99 18.13
N ARG F 83 10.04 -24.11 17.76
CA ARG F 83 11.40 -24.20 18.26
C ARG F 83 11.76 -22.94 19.05
N SER F 84 12.59 -23.09 20.08
CA SER F 84 12.95 -21.99 20.97
C SER F 84 14.39 -21.54 20.79
N THR F 85 14.96 -21.83 19.63
CA THR F 85 16.34 -21.44 19.34
C THR F 85 16.46 -20.78 17.97
N ILE F 86 17.07 -19.59 17.94
CA ILE F 86 17.38 -18.92 16.68
C ILE F 86 18.74 -19.36 16.18
N THR F 87 18.73 -20.20 15.15
CA THR F 87 19.97 -20.73 14.58
C THR F 87 20.26 -20.06 13.25
N SER F 88 21.39 -20.44 12.65
CA SER F 88 21.79 -19.90 11.36
C SER F 88 20.75 -20.20 10.28
N ARG F 89 19.93 -21.21 10.52
CA ARG F 89 18.91 -21.63 9.57
C ARG F 89 17.76 -20.64 9.48
N GLU F 90 17.28 -20.16 10.63
CA GLU F 90 16.23 -19.17 10.65
C GLU F 90 16.69 -17.87 10.00
N ILE F 91 17.93 -17.47 10.28
CA ILE F 91 18.51 -16.28 9.68
C ILE F 91 18.56 -16.39 8.16
N GLN F 92 19.03 -17.54 7.69
CA GLN F 92 19.17 -17.80 6.25
C GLN F 92 17.83 -17.78 5.52
N THR F 93 16.85 -18.51 6.07
CA THR F 93 15.52 -18.57 5.51
C THR F 93 14.89 -17.18 5.48
N ALA F 94 15.11 -16.43 6.56
CA ALA F 94 14.62 -15.06 6.66
C ALA F 94 15.17 -14.22 5.50
N VAL F 95 16.47 -14.34 5.25
CA VAL F 95 17.10 -13.61 4.15
C VAL F 95 16.46 -13.97 2.81
N ARG F 96 16.23 -15.25 2.57
CA ARG F 96 15.61 -15.70 1.33
C ARG F 96 14.23 -15.06 1.14
N LEU F 97 13.53 -14.86 2.25
CA LEU F 97 12.19 -14.27 2.21
C LEU F 97 12.21 -12.74 2.05
N LEU F 98 13.13 -12.06 2.71
CA LEU F 98 13.09 -10.60 2.77
C LEU F 98 13.81 -9.93 1.59
N LEU F 99 14.95 -10.50 1.19
CA LEU F 99 15.76 -9.91 0.12
C LEU F 99 15.41 -10.47 -1.26
N PRO F 100 15.29 -9.56 -2.24
CA PRO F 100 14.91 -9.84 -3.63
C PRO F 100 16.02 -10.49 -4.46
N GLY F 101 15.67 -11.53 -5.21
CA GLY F 101 16.54 -12.16 -6.18
C GLY F 101 18.02 -12.32 -5.87
N GLU F 102 18.85 -11.75 -6.74
CA GLU F 102 20.30 -11.90 -6.69
C GLU F 102 20.92 -11.41 -5.38
N LEU F 103 20.28 -10.42 -4.76
CA LEU F 103 20.72 -9.90 -3.46
C LEU F 103 20.79 -11.00 -2.41
N ALA F 104 19.78 -11.86 -2.41
CA ALA F 104 19.66 -12.97 -1.48
C ALA F 104 20.75 -14.01 -1.77
N LYS F 105 20.97 -14.30 -3.04
CA LYS F 105 21.96 -15.29 -3.45
C LYS F 105 23.34 -14.92 -2.92
N HIS F 106 23.70 -13.65 -3.03
CA HIS F 106 25.01 -13.19 -2.55
C HIS F 106 25.03 -13.04 -1.03
N ALA F 107 23.89 -12.70 -0.46
CA ALA F 107 23.77 -12.62 1.00
C ALA F 107 23.95 -13.98 1.65
N VAL F 108 23.31 -15.00 1.08
CA VAL F 108 23.44 -16.36 1.57
C VAL F 108 24.87 -16.89 1.45
N SER F 109 25.55 -16.53 0.37
CA SER F 109 26.95 -16.91 0.19
C SER F 109 27.82 -16.37 1.32
N GLU F 110 27.66 -15.08 1.62
CA GLU F 110 28.44 -14.42 2.66
C GLU F 110 28.14 -14.99 4.04
N GLY F 111 26.86 -15.20 4.34
CA GLY F 111 26.46 -15.77 5.62
C GLY F 111 27.07 -17.14 5.83
N THR F 112 27.10 -17.94 4.77
CA THR F 112 27.67 -19.28 4.82
C THR F 112 29.17 -19.18 5.09
N LYS F 113 29.83 -18.35 4.29
CA LYS F 113 31.24 -18.05 4.39
C LYS F 113 31.63 -17.68 5.81
N ALA F 114 30.97 -16.66 6.34
CA ALA F 114 31.22 -16.13 7.68
C ALA F 114 31.20 -17.22 8.75
N VAL F 115 30.11 -17.99 8.77
CA VAL F 115 29.93 -19.07 9.73
C VAL F 115 31.05 -20.11 9.65
N THR F 116 31.42 -20.49 8.43
CA THR F 116 32.51 -21.44 8.23
C THR F 116 33.81 -20.92 8.83
N LYS F 117 34.28 -19.76 8.35
CA LYS F 117 35.50 -19.16 8.87
C LYS F 117 35.52 -19.01 10.38
N TYR F 118 34.37 -18.66 10.96
CA TYR F 118 34.28 -18.46 12.40
C TYR F 118 34.47 -19.77 13.16
N THR F 119 33.81 -20.81 12.67
CA THR F 119 33.81 -22.13 13.30
C THR F 119 35.13 -22.90 13.15
N SER F 120 36.05 -22.38 12.35
CA SER F 120 37.34 -23.06 12.16
C SER F 120 38.51 -22.44 12.93
N SER F 121 38.26 -21.34 13.64
CA SER F 121 39.33 -20.70 14.40
C SER F 121 39.10 -20.89 15.90
N PRO G 38 10.12 43.31 -25.29
CA PRO G 38 10.14 42.44 -24.09
C PRO G 38 10.36 40.99 -24.45
N HIS G 39 10.86 40.20 -23.50
CA HIS G 39 11.14 38.79 -23.72
C HIS G 39 10.16 37.94 -22.91
N ARG G 40 9.39 37.08 -23.57
CA ARG G 40 8.34 36.32 -22.89
C ARG G 40 8.31 34.80 -23.08
N TYR G 41 9.24 34.23 -23.84
CA TYR G 41 9.30 32.76 -24.01
C TYR G 41 7.95 32.23 -24.51
N ARG G 42 7.61 31.01 -24.07
CA ARG G 42 6.35 30.38 -24.43
C ARG G 42 5.86 29.57 -23.24
N PRO G 43 4.53 29.50 -23.05
CA PRO G 43 3.95 28.71 -21.97
C PRO G 43 4.45 27.26 -21.91
N GLY G 44 5.02 26.88 -20.78
CA GLY G 44 5.54 25.53 -20.61
C GLY G 44 7.05 25.47 -20.61
N THR G 45 7.67 26.39 -21.34
CA THR G 45 9.12 26.43 -21.47
C THR G 45 9.82 26.68 -20.14
N VAL G 46 9.36 27.68 -19.40
CA VAL G 46 9.95 27.98 -18.10
C VAL G 46 9.61 26.87 -17.10
N ALA G 47 8.43 26.27 -17.27
CA ALA G 47 7.98 25.16 -16.42
C ALA G 47 8.94 23.98 -16.47
N LEU G 48 9.30 23.54 -17.67
CA LEU G 48 10.24 22.43 -17.83
C LEU G 48 11.58 22.77 -17.18
N ARG G 49 11.96 24.03 -17.29
CA ARG G 49 13.20 24.49 -16.69
C ARG G 49 13.13 24.35 -15.18
N GLU G 50 11.96 24.69 -14.61
CA GLU G 50 11.74 24.53 -13.18
C GLU G 50 11.75 23.05 -12.76
N ILE G 51 11.04 22.22 -13.53
CA ILE G 51 10.97 20.78 -13.30
C ILE G 51 12.36 20.16 -13.16
N ARG G 52 13.20 20.44 -14.15
CA ARG G 52 14.55 19.93 -14.21
C ARG G 52 15.34 20.46 -13.02
N ARG G 53 15.14 21.73 -12.71
CA ARG G 53 15.84 22.40 -11.60
C ARG G 53 15.66 21.73 -10.25
N TYR G 54 14.40 21.43 -9.91
CA TYR G 54 14.06 20.91 -8.59
C TYR G 54 14.31 19.40 -8.49
N GLN G 55 14.32 18.73 -9.63
CA GLN G 55 14.67 17.32 -9.68
C GLN G 55 16.17 17.15 -9.52
N LYS G 56 16.90 18.26 -9.65
CA LYS G 56 18.35 18.24 -9.56
C LYS G 56 18.79 18.54 -8.13
N SER G 57 17.95 19.27 -7.40
CA SER G 57 18.29 19.68 -6.03
C SER G 57 17.56 18.82 -5.01
N THR G 58 17.78 19.09 -3.73
CA THR G 58 17.19 18.30 -2.65
C THR G 58 16.64 19.14 -1.50
N GLU G 59 16.76 20.46 -1.59
CA GLU G 59 16.29 21.35 -0.53
C GLU G 59 14.78 21.26 -0.39
N LEU G 60 14.28 21.59 0.80
CA LEU G 60 12.84 21.58 1.05
C LEU G 60 12.16 22.72 0.29
N LEU G 61 10.98 22.43 -0.24
CA LEU G 61 10.28 23.35 -1.12
C LEU G 61 9.16 24.11 -0.40
N ILE G 62 8.86 23.70 0.82
CA ILE G 62 7.86 24.39 1.63
C ILE G 62 8.53 25.32 2.64
N ARG G 63 7.92 26.49 2.85
CA ARG G 63 8.42 27.46 3.83
C ARG G 63 8.45 26.83 5.23
N LYS G 64 9.61 26.92 5.86
CA LYS G 64 9.86 26.23 7.12
C LYS G 64 8.93 26.65 8.25
N LEU G 65 8.86 27.95 8.52
CA LEU G 65 8.06 28.48 9.62
C LEU G 65 6.54 28.21 9.48
N PRO G 66 5.93 28.57 8.32
CA PRO G 66 4.51 28.28 8.11
C PRO G 66 4.11 26.83 8.32
N PHE G 67 4.96 25.91 7.88
CA PHE G 67 4.69 24.49 8.03
C PHE G 67 4.66 24.12 9.51
N GLN G 68 5.61 24.67 10.26
CA GLN G 68 5.72 24.41 11.69
C GLN G 68 4.45 24.80 12.45
N ARG G 69 3.87 25.93 12.08
CA ARG G 69 2.64 26.41 12.68
C ARG G 69 1.47 25.46 12.35
N LEU G 70 1.45 24.98 11.12
CA LEU G 70 0.44 24.01 10.68
C LEU G 70 0.48 22.77 11.55
N VAL G 71 1.68 22.31 11.88
CA VAL G 71 1.86 21.13 12.72
C VAL G 71 1.25 21.31 14.11
N ARG G 72 1.60 22.41 14.78
CA ARG G 72 1.10 22.63 16.14
C ARG G 72 -0.41 22.80 16.19
N GLU G 73 -1.00 23.45 15.18
CA GLU G 73 -2.45 23.63 15.15
C GLU G 73 -3.13 22.28 15.05
N ILE G 74 -2.64 21.45 14.14
CA ILE G 74 -3.17 20.11 13.97
C ILE G 74 -2.94 19.27 15.23
N ALA G 75 -1.83 19.50 15.92
CA ALA G 75 -1.50 18.72 17.09
C ALA G 75 -2.43 19.08 18.25
N GLN G 76 -2.91 20.32 18.26
CA GLN G 76 -3.84 20.81 19.29
C GLN G 76 -5.00 19.84 19.53
N ASP G 77 -5.51 19.27 18.44
CA ASP G 77 -6.72 18.46 18.50
C ASP G 77 -6.48 17.07 19.09
N PHE G 78 -5.31 16.86 19.67
CA PHE G 78 -4.96 15.58 20.29
C PHE G 78 -4.52 15.79 21.73
N LYS G 79 -3.67 16.80 21.93
CA LYS G 79 -3.19 17.16 23.26
C LYS G 79 -2.84 18.64 23.34
N THR G 80 -3.35 19.30 24.37
CA THR G 80 -3.15 20.73 24.56
C THR G 80 -1.77 21.01 25.14
N ASP G 81 -1.22 22.18 24.80
CA ASP G 81 0.08 22.63 25.29
C ASP G 81 1.20 21.62 24.98
N LEU G 82 1.17 21.09 23.76
CA LEU G 82 2.21 20.18 23.29
C LEU G 82 3.51 20.92 22.95
N ARG G 83 4.65 20.32 23.28
CA ARG G 83 5.95 20.86 22.87
C ARG G 83 6.59 20.00 21.79
N PHE G 84 7.40 20.63 20.94
CA PHE G 84 8.05 19.92 19.83
C PHE G 84 9.56 20.09 19.83
N GLN G 85 10.29 19.03 19.48
CA GLN G 85 11.71 19.16 19.16
C GLN G 85 11.87 19.71 17.75
N SER G 86 12.86 20.59 17.55
CA SER G 86 13.09 21.16 16.23
C SER G 86 13.26 20.05 15.20
N SER G 87 14.04 19.03 15.56
CA SER G 87 14.32 17.89 14.69
C SER G 87 13.07 17.09 14.34
N ALA G 88 12.06 17.14 15.21
CA ALA G 88 10.78 16.48 15.00
C ALA G 88 10.00 17.13 13.87
N VAL G 89 9.88 18.45 13.94
CA VAL G 89 9.20 19.24 12.91
C VAL G 89 9.86 19.05 11.54
N MET G 90 11.19 18.98 11.54
CA MET G 90 11.93 18.78 10.30
C MET G 90 11.69 17.39 9.71
N ALA G 91 11.65 16.38 10.56
CA ALA G 91 11.36 15.02 10.13
C ALA G 91 9.99 14.93 9.49
N LEU G 92 9.06 15.74 10.00
CA LEU G 92 7.71 15.79 9.46
C LEU G 92 7.65 16.45 8.08
N GLN G 93 8.39 17.53 7.91
CA GLN G 93 8.40 18.25 6.65
C GLN G 93 9.02 17.42 5.54
N GLU G 94 10.09 16.71 5.85
CA GLU G 94 10.72 15.79 4.90
C GLU G 94 9.72 14.75 4.41
N ALA G 95 9.10 14.05 5.35
CA ALA G 95 8.09 13.04 5.04
C ALA G 95 6.94 13.62 4.24
N SER G 96 6.43 14.76 4.70
CA SER G 96 5.29 15.42 4.05
C SER G 96 5.59 15.77 2.60
N GLU G 97 6.73 16.39 2.35
CA GLU G 97 7.08 16.81 1.00
C GLU G 97 7.39 15.61 0.11
N ALA G 98 8.01 14.58 0.70
CA ALA G 98 8.28 13.35 -0.02
C ALA G 98 6.99 12.64 -0.41
N TYR G 99 6.00 12.71 0.47
CA TYR G 99 4.70 12.11 0.22
C TYR G 99 4.01 12.82 -0.94
N LEU G 100 4.01 14.15 -0.89
CA LEU G 100 3.34 14.96 -1.91
C LEU G 100 4.02 14.83 -3.27
N VAL G 101 5.35 14.95 -3.27
CA VAL G 101 6.14 14.81 -4.50
C VAL G 101 5.83 13.49 -5.20
N GLY G 102 5.79 12.41 -4.43
CA GLY G 102 5.49 11.10 -4.98
C GLY G 102 4.07 11.06 -5.49
N LEU G 103 3.15 11.70 -4.76
CA LEU G 103 1.76 11.74 -5.17
C LEU G 103 1.58 12.46 -6.51
N PHE G 104 2.34 13.54 -6.71
CA PHE G 104 2.27 14.27 -7.96
C PHE G 104 2.81 13.47 -9.15
N GLU G 105 3.80 12.62 -8.90
CA GLU G 105 4.34 11.76 -9.96
C GLU G 105 3.27 10.78 -10.43
N ASP G 106 2.60 10.16 -9.47
CA ASP G 106 1.51 9.23 -9.77
C ASP G 106 0.33 9.98 -10.37
N THR G 107 0.02 11.13 -9.79
CA THR G 107 -1.04 12.01 -10.31
C THR G 107 -0.80 12.37 -11.76
N ASN G 108 0.44 12.75 -12.07
CA ASN G 108 0.84 13.15 -13.40
C ASN G 108 0.61 12.03 -14.43
N LEU G 109 0.88 10.80 -14.00
CA LEU G 109 0.68 9.63 -14.85
C LEU G 109 -0.79 9.40 -15.15
N CYS G 110 -1.65 9.73 -14.20
CA CYS G 110 -3.09 9.59 -14.38
C CYS G 110 -3.60 10.61 -15.38
N ALA G 111 -3.08 11.84 -15.28
CA ALA G 111 -3.42 12.91 -16.20
C ALA G 111 -3.04 12.54 -17.64
N ILE G 112 -1.77 12.19 -17.83
CA ILE G 112 -1.25 11.78 -19.14
C ILE G 112 -2.04 10.62 -19.73
N HIS G 113 -2.43 9.69 -18.87
CA HIS G 113 -3.22 8.53 -19.26
C HIS G 113 -4.49 9.03 -19.96
N ALA G 114 -5.14 10.01 -19.34
CA ALA G 114 -6.36 10.60 -19.88
C ALA G 114 -6.08 11.58 -21.02
N LYS G 115 -4.89 11.45 -21.63
CA LYS G 115 -4.47 12.27 -22.77
C LYS G 115 -4.36 13.75 -22.47
N ARG G 116 -4.12 14.09 -21.21
CA ARG G 116 -3.89 15.48 -20.82
C ARG G 116 -2.45 15.71 -20.36
N VAL G 117 -2.09 16.98 -20.17
CA VAL G 117 -0.78 17.32 -19.63
C VAL G 117 -0.98 18.26 -18.45
N THR G 118 -2.25 18.43 -18.06
CA THR G 118 -2.61 19.26 -16.92
C THR G 118 -3.23 18.42 -15.81
N ILE G 119 -2.56 18.35 -14.67
CA ILE G 119 -3.11 17.60 -13.55
C ILE G 119 -4.37 18.29 -13.04
N MET G 120 -5.36 17.50 -12.68
CA MET G 120 -6.64 18.02 -12.19
C MET G 120 -7.04 17.27 -10.92
N PRO G 121 -8.00 17.82 -10.16
CA PRO G 121 -8.47 17.16 -8.93
C PRO G 121 -8.85 15.72 -9.18
N LYS G 122 -9.51 15.47 -10.30
CA LYS G 122 -9.91 14.12 -10.70
C LYS G 122 -8.70 13.18 -10.75
N ASP G 123 -7.57 13.69 -11.23
CA ASP G 123 -6.33 12.92 -11.29
C ASP G 123 -5.80 12.52 -9.92
N ILE G 124 -5.81 13.46 -8.99
CA ILE G 124 -5.36 13.18 -7.62
C ILE G 124 -6.27 12.15 -6.95
N GLN G 125 -7.57 12.26 -7.20
CA GLN G 125 -8.52 11.35 -6.60
C GLN G 125 -8.32 9.93 -7.11
N LEU G 126 -8.05 9.78 -8.41
CA LEU G 126 -7.80 8.47 -8.97
C LEU G 126 -6.52 7.84 -8.41
N ALA G 127 -5.46 8.65 -8.35
CA ALA G 127 -4.18 8.17 -7.81
C ALA G 127 -4.33 7.64 -6.39
N ARG G 128 -4.93 8.46 -5.54
CA ARG G 128 -5.11 8.16 -4.12
C ARG G 128 -6.05 6.98 -3.90
N ARG G 129 -7.07 6.87 -4.74
CA ARG G 129 -8.00 5.76 -4.65
C ARG G 129 -7.28 4.42 -4.79
N ILE G 130 -6.48 4.26 -5.85
CA ILE G 130 -5.75 3.03 -6.03
C ILE G 130 -4.71 2.85 -4.91
N ARG G 131 -4.16 3.97 -4.45
CA ARG G 131 -3.19 4.07 -3.36
C ARG G 131 -3.69 3.70 -1.97
N GLY G 132 -5.01 3.77 -1.78
CA GLY G 132 -5.61 3.55 -0.48
C GLY G 132 -5.73 4.92 0.18
N GLU G 133 -6.32 4.96 1.37
CA GLU G 133 -6.49 6.20 2.14
C GLU G 133 -7.35 7.10 1.26
N ARG G 134 -8.46 6.53 0.81
CA ARG G 134 -9.44 7.20 -0.04
C ARG G 134 -10.13 8.35 0.66
N ALA G 135 -10.54 8.12 1.91
CA ALA G 135 -11.29 9.11 2.67
C ALA G 135 -10.38 9.96 3.54
N ARG H 23 -6.32 29.80 12.73
CA ARG H 23 -7.34 28.91 12.21
C ARG H 23 -7.24 28.78 10.70
N ASP H 24 -6.75 29.84 10.05
CA ASP H 24 -6.52 29.81 8.61
C ASP H 24 -5.05 29.70 8.24
N ASN H 25 -4.27 28.98 9.06
CA ASN H 25 -2.86 28.80 8.74
C ASN H 25 -2.62 27.68 7.73
N ILE H 26 -3.67 26.93 7.41
CA ILE H 26 -3.57 25.87 6.39
C ILE H 26 -3.29 26.49 5.01
N GLN H 27 -3.60 27.78 4.86
CA GLN H 27 -3.35 28.53 3.63
C GLN H 27 -1.88 28.98 3.52
N GLY H 28 -1.11 28.75 4.58
CA GLY H 28 0.31 29.06 4.54
C GLY H 28 1.09 28.16 3.61
N ILE H 29 0.56 26.96 3.32
CA ILE H 29 1.20 26.10 2.34
C ILE H 29 0.73 26.65 0.99
N THR H 30 1.43 27.69 0.55
CA THR H 30 1.04 28.51 -0.59
C THR H 30 1.07 27.80 -1.93
N LYS H 31 0.38 28.41 -2.91
CA LYS H 31 0.37 27.94 -4.29
C LYS H 31 1.78 27.82 -4.89
N PRO H 32 2.64 28.87 -4.76
CA PRO H 32 4.00 28.69 -5.27
C PRO H 32 4.65 27.44 -4.69
N ALA H 33 4.53 27.27 -3.38
CA ALA H 33 5.11 26.12 -2.68
C ALA H 33 4.52 24.82 -3.23
N ILE H 34 3.21 24.80 -3.47
CA ILE H 34 2.58 23.62 -4.04
C ILE H 34 3.07 23.34 -5.45
N ARG H 35 3.24 24.41 -6.25
CA ARG H 35 3.76 24.26 -7.61
C ARG H 35 5.16 23.63 -7.72
N ARG H 36 6.12 24.08 -6.91
CA ARG H 36 7.46 23.51 -6.91
C ARG H 36 7.45 22.01 -6.65
N LEU H 37 6.68 21.58 -5.66
CA LEU H 37 6.55 20.15 -5.35
C LEU H 37 6.08 19.40 -6.59
N ALA H 38 5.04 19.91 -7.23
CA ALA H 38 4.53 19.30 -8.45
C ALA H 38 5.62 19.27 -9.53
N ARG H 39 6.43 20.33 -9.58
CA ARG H 39 7.53 20.41 -10.55
C ARG H 39 8.51 19.27 -10.32
N ARG H 40 8.86 19.05 -9.05
CA ARG H 40 9.75 17.94 -8.68
C ARG H 40 9.09 16.61 -8.96
N GLY H 41 7.75 16.60 -9.00
CA GLY H 41 7.01 15.41 -9.32
C GLY H 41 6.91 15.19 -10.82
N GLY H 42 7.37 16.19 -11.58
CA GLY H 42 7.40 16.09 -13.02
C GLY H 42 6.18 16.71 -13.67
N VAL H 43 5.40 17.44 -12.88
CA VAL H 43 4.17 18.06 -13.37
C VAL H 43 4.44 19.36 -14.13
N LYS H 44 3.78 19.52 -15.27
CA LYS H 44 4.04 20.64 -16.15
C LYS H 44 2.92 21.68 -16.10
N ARG H 45 1.68 21.21 -16.01
CA ARG H 45 0.53 22.09 -15.96
C ARG H 45 -0.41 21.75 -14.81
N ILE H 46 -0.90 22.78 -14.12
CA ILE H 46 -1.67 22.59 -12.90
C ILE H 46 -2.97 23.38 -12.90
N SER H 47 -4.08 22.65 -12.70
CA SER H 47 -5.39 23.26 -12.58
C SER H 47 -5.46 24.06 -11.28
N GLY H 48 -6.21 25.15 -11.28
CA GLY H 48 -6.32 26.00 -10.09
C GLY H 48 -6.98 25.29 -8.92
N LEU H 49 -7.78 24.28 -9.21
CA LEU H 49 -8.49 23.52 -8.18
C LEU H 49 -7.56 22.55 -7.45
N ILE H 50 -6.38 22.32 -8.02
CA ILE H 50 -5.40 21.40 -7.45
C ILE H 50 -4.93 21.90 -6.08
N TYR H 51 -4.70 23.20 -6.01
CA TYR H 51 -4.09 23.81 -4.83
C TYR H 51 -4.88 23.61 -3.53
N GLU H 52 -6.20 23.73 -3.57
CA GLU H 52 -6.96 23.54 -2.33
C GLU H 52 -7.06 22.06 -1.98
N GLU H 53 -7.24 21.22 -3.00
CA GLU H 53 -7.28 19.77 -2.78
C GLU H 53 -5.96 19.29 -2.20
N THR H 54 -4.86 19.90 -2.65
CA THR H 54 -3.54 19.52 -2.20
C THR H 54 -3.40 19.89 -0.72
N ARG H 55 -3.91 21.05 -0.33
CA ARG H 55 -3.85 21.45 1.06
C ARG H 55 -4.59 20.42 1.92
N GLY H 56 -5.72 19.94 1.39
CA GLY H 56 -6.51 18.93 2.08
C GLY H 56 -5.85 17.57 2.25
N VAL H 57 -5.23 17.05 1.20
CA VAL H 57 -4.55 15.75 1.30
C VAL H 57 -3.41 15.84 2.33
N LEU H 58 -2.62 16.90 2.24
CA LEU H 58 -1.51 17.10 3.17
C LEU H 58 -2.02 17.18 4.60
N LYS H 59 -3.17 17.83 4.78
CA LYS H 59 -3.77 17.97 6.10
C LYS H 59 -4.11 16.60 6.68
N VAL H 60 -4.81 15.80 5.88
CA VAL H 60 -5.17 14.43 6.26
C VAL H 60 -3.92 13.64 6.61
N PHE H 61 -2.91 13.74 5.76
CA PHE H 61 -1.63 13.06 5.95
C PHE H 61 -1.05 13.42 7.30
N LEU H 62 -0.97 14.71 7.60
CA LEU H 62 -0.41 15.18 8.85
C LEU H 62 -1.24 14.73 10.06
N GLU H 63 -2.56 14.81 9.92
CA GLU H 63 -3.46 14.36 11.00
C GLU H 63 -3.17 12.92 11.41
N ASN H 64 -3.00 12.05 10.42
CA ASN H 64 -2.75 10.64 10.67
C ASN H 64 -1.41 10.38 11.36
N VAL H 65 -0.37 11.05 10.86
CA VAL H 65 0.99 10.90 11.39
C VAL H 65 1.17 11.51 12.78
N ILE H 66 0.71 12.74 12.95
CA ILE H 66 0.85 13.45 14.23
C ILE H 66 0.13 12.69 15.32
N ARG H 67 -1.06 12.19 15.00
CA ARG H 67 -1.87 11.42 15.94
C ARG H 67 -1.06 10.27 16.55
N ASP H 68 -0.42 9.48 15.69
CA ASP H 68 0.39 8.36 16.14
C ASP H 68 1.64 8.84 16.88
N ALA H 69 2.23 9.93 16.40
CA ALA H 69 3.41 10.53 17.03
C ALA H 69 3.13 10.93 18.48
N VAL H 70 2.01 11.60 18.70
CA VAL H 70 1.61 12.04 20.03
C VAL H 70 1.30 10.83 20.91
N THR H 71 0.73 9.80 20.30
CA THR H 71 0.41 8.55 21.01
C THR H 71 1.69 7.96 21.60
N TYR H 72 2.79 8.04 20.85
CA TYR H 72 4.09 7.61 21.35
C TYR H 72 4.59 8.51 22.47
N THR H 73 4.30 9.80 22.35
CA THR H 73 4.73 10.79 23.33
C THR H 73 4.07 10.54 24.69
N GLU H 74 2.76 10.34 24.68
CA GLU H 74 1.99 10.10 25.88
C GLU H 74 2.43 8.81 26.57
N HIS H 75 2.77 7.80 25.78
CA HIS H 75 3.24 6.53 26.31
C HIS H 75 4.51 6.72 27.15
N ALA H 76 5.43 7.52 26.65
CA ALA H 76 6.69 7.78 27.34
C ALA H 76 6.49 8.74 28.52
N LYS H 77 5.23 9.12 28.73
CA LYS H 77 4.83 10.06 29.78
C LYS H 77 5.56 11.39 29.64
N ARG H 78 5.71 11.83 28.40
CA ARG H 78 6.37 13.09 28.10
C ARG H 78 5.41 14.13 27.54
N LYS H 79 5.72 15.40 27.73
CA LYS H 79 4.90 16.48 27.19
C LYS H 79 5.45 16.96 25.85
N THR H 80 6.68 16.54 25.53
CA THR H 80 7.33 17.00 24.31
C THR H 80 7.48 15.84 23.31
N VAL H 81 7.05 16.09 22.07
CA VAL H 81 7.23 15.16 20.96
C VAL H 81 8.67 15.15 20.43
N THR H 82 9.33 14.00 20.56
CA THR H 82 10.71 13.87 20.11
C THR H 82 10.75 13.38 18.66
N ALA H 83 11.90 13.55 18.02
CA ALA H 83 12.08 13.13 16.62
C ALA H 83 11.78 11.65 16.43
N MET H 84 12.23 10.82 17.37
CA MET H 84 12.00 9.38 17.30
C MET H 84 10.52 9.06 17.26
N ASP H 85 9.72 9.82 18.01
CA ASP H 85 8.27 9.67 18.00
C ASP H 85 7.72 9.78 16.58
N VAL H 86 8.19 10.79 15.85
CA VAL H 86 7.78 10.98 14.46
C VAL H 86 8.26 9.85 13.56
N VAL H 87 9.52 9.44 13.75
CA VAL H 87 10.09 8.35 12.96
C VAL H 87 9.27 7.08 13.16
N TYR H 88 9.00 6.73 14.42
CA TYR H 88 8.20 5.56 14.73
C TYR H 88 6.79 5.70 14.16
N ALA H 89 6.23 6.89 14.26
CA ALA H 89 4.91 7.17 13.72
C ALA H 89 4.84 6.90 12.23
N LEU H 90 5.81 7.44 11.49
CA LEU H 90 5.86 7.26 10.04
C LEU H 90 5.99 5.78 9.67
N LYS H 91 6.84 5.08 10.40
CA LYS H 91 7.09 3.65 10.17
C LYS H 91 5.81 2.86 10.38
N ARG H 92 5.07 3.22 11.44
CA ARG H 92 3.81 2.58 11.77
C ARG H 92 2.85 2.67 10.59
N GLN H 93 2.98 3.74 9.82
CA GLN H 93 2.06 4.00 8.72
C GLN H 93 2.65 3.55 7.38
N GLY H 94 3.70 2.75 7.43
CA GLY H 94 4.31 2.22 6.21
C GLY H 94 5.01 3.30 5.41
N ARG H 95 5.63 4.25 6.11
CA ARG H 95 6.36 5.33 5.46
C ARG H 95 7.70 5.56 6.17
N THR H 96 8.50 4.50 6.27
CA THR H 96 9.79 4.53 6.94
C THR H 96 10.68 5.68 6.47
N LEU H 97 11.32 6.35 7.42
CA LEU H 97 12.19 7.49 7.12
C LEU H 97 13.62 7.32 7.67
N TYR H 98 14.60 7.46 6.78
CA TYR H 98 16.01 7.36 7.17
C TYR H 98 16.64 8.73 7.37
N GLY H 99 17.46 8.87 8.42
CA GLY H 99 18.23 10.08 8.62
C GLY H 99 17.79 10.91 9.81
N PHE H 100 17.23 10.26 10.81
CA PHE H 100 16.80 10.93 12.02
C PHE H 100 16.91 10.01 13.24
N GLY H 101 17.28 8.76 13.00
CA GLY H 101 17.40 7.78 14.06
C GLY H 101 16.68 6.47 13.77
N GLY H 102 16.99 5.45 14.56
CA GLY H 102 16.41 4.14 14.39
C GLY H 102 17.04 3.35 13.25
N ALA I 13 -14.79 -19.81 44.71
CA ALA I 13 -13.80 -19.47 43.70
C ALA I 13 -14.45 -18.76 42.52
N LYS I 14 -13.76 -17.75 41.97
CA LYS I 14 -14.23 -17.05 40.79
C LYS I 14 -13.26 -17.09 39.61
N SER I 15 -13.76 -17.49 38.44
CA SER I 15 -12.96 -17.52 37.21
C SER I 15 -12.50 -16.10 36.90
N ARG I 16 -11.23 -15.93 36.52
CA ARG I 16 -10.76 -14.60 36.15
C ARG I 16 -11.52 -13.96 34.99
N SER I 17 -12.13 -14.77 34.12
CA SER I 17 -12.94 -14.24 33.04
C SER I 17 -14.16 -13.49 33.58
N ASN I 18 -14.82 -14.12 34.54
CA ASN I 18 -16.04 -13.61 35.17
C ASN I 18 -15.79 -12.37 36.01
N ARG I 19 -14.63 -12.35 36.67
CA ARG I 19 -14.24 -11.22 37.49
C ARG I 19 -14.12 -9.94 36.66
N ALA I 20 -13.71 -10.09 35.41
CA ALA I 20 -13.56 -8.95 34.52
C ALA I 20 -14.83 -8.77 33.69
N GLY I 21 -15.77 -9.69 33.86
CA GLY I 21 -17.01 -9.69 33.11
C GLY I 21 -16.76 -9.89 31.63
N LEU I 22 -15.99 -10.92 31.30
CA LEU I 22 -15.63 -11.21 29.91
C LEU I 22 -16.01 -12.61 29.48
N GLN I 23 -16.23 -12.78 28.18
CA GLN I 23 -16.51 -14.08 27.59
C GLN I 23 -15.22 -14.71 27.11
N PHE I 24 -14.26 -13.86 26.76
CA PHE I 24 -12.94 -14.30 26.32
C PHE I 24 -12.03 -14.69 27.49
N PRO I 25 -11.14 -15.66 27.27
CA PRO I 25 -10.36 -16.30 28.33
C PRO I 25 -9.16 -15.46 28.76
N VAL I 26 -9.32 -14.75 29.87
CA VAL I 26 -8.25 -13.96 30.48
C VAL I 26 -7.08 -14.88 30.82
N GLY I 27 -7.41 -16.11 31.22
CA GLY I 27 -6.41 -17.10 31.54
C GLY I 27 -5.56 -17.49 30.35
N ARG I 28 -6.21 -17.85 29.24
CA ARG I 28 -5.48 -18.24 28.05
C ARG I 28 -4.62 -17.12 27.49
N ILE I 29 -5.20 -15.94 27.36
CA ILE I 29 -4.49 -14.76 26.88
C ILE I 29 -3.24 -14.45 27.71
N HIS I 30 -3.40 -14.52 29.04
CA HIS I 30 -2.29 -14.24 29.95
C HIS I 30 -1.09 -15.16 29.71
N ARG I 31 -1.37 -16.45 29.48
CA ARG I 31 -0.32 -17.42 29.23
C ARG I 31 0.38 -17.17 27.90
N LEU I 32 -0.44 -17.01 26.85
CA LEU I 32 0.04 -16.76 25.50
C LEU I 32 1.02 -15.58 25.42
N LEU I 33 0.80 -14.60 26.30
CA LEU I 33 1.68 -13.44 26.39
C LEU I 33 3.04 -13.83 26.97
N ARG I 34 3.02 -14.62 28.04
CA ARG I 34 4.23 -15.07 28.70
C ARG I 34 5.11 -15.94 27.80
N LYS I 35 4.49 -16.90 27.12
CA LYS I 35 5.22 -17.82 26.25
C LYS I 35 5.41 -17.28 24.84
N GLY I 36 5.04 -16.01 24.63
CA GLY I 36 5.04 -15.42 23.32
C GLY I 36 6.25 -14.58 22.98
N ASN I 37 7.23 -14.54 23.88
CA ASN I 37 8.45 -13.76 23.68
C ASN I 37 8.17 -12.29 23.43
N TYR I 38 7.43 -11.66 24.35
CA TYR I 38 7.11 -10.25 24.20
C TYR I 38 7.84 -9.40 25.24
N ALA I 39 7.85 -9.85 26.48
CA ALA I 39 8.57 -9.18 27.55
C ALA I 39 8.92 -10.14 28.69
N GLU I 40 9.79 -9.69 29.60
CA GLU I 40 10.19 -10.52 30.73
C GLU I 40 9.06 -10.66 31.74
N ARG I 41 8.19 -9.66 31.81
CA ARG I 41 7.09 -9.65 32.79
C ARG I 41 5.79 -9.17 32.15
N VAL I 42 4.69 -9.70 32.64
CA VAL I 42 3.36 -9.33 32.15
C VAL I 42 2.49 -8.82 33.29
N GLY I 43 2.08 -7.56 33.20
CA GLY I 43 1.25 -6.95 34.21
C GLY I 43 -0.09 -7.65 34.38
N ALA I 44 -0.63 -7.62 35.59
CA ALA I 44 -1.88 -8.31 35.88
C ALA I 44 -3.05 -7.79 35.06
N GLY I 45 -3.02 -6.50 34.72
CA GLY I 45 -4.10 -5.89 33.97
C GLY I 45 -4.00 -6.08 32.48
N ALA I 46 -2.79 -6.37 32.00
CA ALA I 46 -2.52 -6.53 30.57
C ALA I 46 -3.42 -7.57 29.89
N PRO I 47 -3.46 -8.82 30.39
CA PRO I 47 -4.28 -9.80 29.67
C PRO I 47 -5.77 -9.47 29.67
N VAL I 48 -6.25 -8.93 30.79
CA VAL I 48 -7.64 -8.52 30.92
C VAL I 48 -8.01 -7.43 29.91
N TYR I 49 -7.15 -6.42 29.79
CA TYR I 49 -7.39 -5.31 28.88
C TYR I 49 -7.40 -5.79 27.43
N LEU I 50 -6.48 -6.68 27.09
CA LEU I 50 -6.36 -7.19 25.73
C LEU I 50 -7.55 -8.08 25.38
N ALA I 51 -7.88 -8.99 26.29
CA ALA I 51 -9.02 -9.89 26.11
C ALA I 51 -10.30 -9.07 25.91
N ALA I 52 -10.43 -7.99 26.67
CA ALA I 52 -11.57 -7.11 26.57
C ALA I 52 -11.68 -6.50 25.17
N VAL I 53 -10.54 -6.07 24.63
CA VAL I 53 -10.50 -5.45 23.31
C VAL I 53 -10.80 -6.46 22.22
N MET I 54 -10.33 -7.70 22.42
CA MET I 54 -10.57 -8.76 21.45
C MET I 54 -12.05 -9.13 21.39
N GLU I 55 -12.69 -9.22 22.55
CA GLU I 55 -14.12 -9.53 22.62
C GLU I 55 -14.97 -8.47 21.95
N TYR I 56 -14.61 -7.20 22.14
CA TYR I 56 -15.34 -6.09 21.55
C TYR I 56 -15.36 -6.15 20.02
N LEU I 57 -14.19 -6.28 19.42
CA LEU I 57 -14.07 -6.34 17.96
C LEU I 57 -14.80 -7.56 17.41
N ALA I 58 -14.73 -8.67 18.13
CA ALA I 58 -15.47 -9.86 17.75
C ALA I 58 -16.97 -9.57 17.75
N ALA I 59 -17.45 -8.95 18.82
CA ALA I 59 -18.86 -8.59 18.97
C ALA I 59 -19.28 -7.61 17.89
N GLU I 60 -18.40 -6.66 17.59
CA GLU I 60 -18.64 -5.65 16.57
C GLU I 60 -18.90 -6.28 15.22
N VAL I 61 -18.03 -7.21 14.84
CA VAL I 61 -18.15 -7.88 13.55
C VAL I 61 -19.44 -8.70 13.57
N LEU I 62 -19.66 -9.42 14.67
CA LEU I 62 -20.85 -10.27 14.80
C LEU I 62 -22.14 -9.45 14.70
N GLU I 63 -22.24 -8.30 15.36
CA GLU I 63 -23.47 -7.51 15.26
C GLU I 63 -23.76 -7.12 13.82
N LEU I 64 -22.72 -6.72 13.11
CA LEU I 64 -22.87 -6.35 11.71
C LEU I 64 -23.09 -7.57 10.82
N ALA I 65 -22.37 -8.65 11.11
CA ALA I 65 -22.52 -9.89 10.37
C ALA I 65 -23.91 -10.48 10.58
N GLY I 66 -24.35 -10.42 11.83
CA GLY I 66 -25.68 -10.88 12.19
C GLY I 66 -26.72 -10.20 11.33
N ASN I 67 -26.67 -8.86 11.33
CA ASN I 67 -27.54 -8.05 10.51
C ASN I 67 -27.51 -8.49 9.05
N ALA I 68 -26.31 -8.67 8.52
CA ALA I 68 -26.12 -9.06 7.12
C ALA I 68 -26.81 -10.38 6.81
N ALA I 69 -26.76 -11.30 7.77
CA ALA I 69 -27.38 -12.61 7.65
C ALA I 69 -28.88 -12.45 7.65
N ARG I 70 -29.36 -11.61 8.56
CA ARG I 70 -30.78 -11.29 8.70
C ARG I 70 -31.31 -10.66 7.41
N ASP I 71 -30.51 -9.80 6.80
CA ASP I 71 -30.90 -9.09 5.57
C ASP I 71 -31.05 -9.99 4.35
N ASN I 72 -30.73 -11.28 4.51
CA ASN I 72 -30.91 -12.24 3.43
C ASN I 72 -31.79 -13.39 3.84
N LYS I 73 -32.56 -13.17 4.91
CA LYS I 73 -33.50 -14.16 5.44
C LYS I 73 -32.78 -15.45 5.81
N LYS I 74 -31.61 -15.30 6.41
CA LYS I 74 -30.81 -16.43 6.86
C LYS I 74 -30.49 -16.26 8.33
N THR I 75 -30.47 -17.35 9.08
CA THR I 75 -30.14 -17.31 10.50
C THR I 75 -28.73 -17.79 10.80
N ARG I 76 -28.07 -18.38 9.81
CA ARG I 76 -26.71 -18.87 10.01
C ARG I 76 -25.69 -18.00 9.27
N ILE I 77 -24.71 -17.49 10.01
CA ILE I 77 -23.68 -16.64 9.43
C ILE I 77 -22.67 -17.45 8.61
N ILE I 78 -22.49 -17.04 7.36
CA ILE I 78 -21.54 -17.66 6.47
C ILE I 78 -20.49 -16.62 6.04
N PRO I 79 -19.33 -17.06 5.52
CA PRO I 79 -18.26 -16.13 5.12
C PRO I 79 -18.76 -14.90 4.35
N ARG I 80 -19.71 -15.09 3.45
CA ARG I 80 -20.26 -14.00 2.65
C ARG I 80 -20.79 -12.86 3.51
N HIS I 81 -21.43 -13.21 4.63
CA HIS I 81 -21.98 -12.20 5.53
C HIS I 81 -20.87 -11.45 6.23
N LEU I 82 -19.86 -12.17 6.71
CA LEU I 82 -18.69 -11.56 7.33
C LEU I 82 -18.08 -10.54 6.39
N GLN I 83 -18.03 -10.89 5.11
CA GLN I 83 -17.49 -9.99 4.08
C GLN I 83 -18.33 -8.72 3.97
N LEU I 84 -19.62 -8.90 3.72
CA LEU I 84 -20.56 -7.78 3.59
C LEU I 84 -20.50 -6.84 4.78
N ALA I 85 -20.47 -7.43 5.97
CA ALA I 85 -20.42 -6.66 7.21
C ALA I 85 -19.19 -5.77 7.29
N ILE I 86 -18.03 -6.34 6.99
CA ILE I 86 -16.77 -5.61 7.10
C ILE I 86 -16.65 -4.52 6.03
N ARG I 87 -16.95 -4.87 4.78
CA ARG I 87 -16.72 -3.95 3.68
C ARG I 87 -17.75 -2.82 3.63
N ASN I 88 -18.90 -3.02 4.29
CA ASN I 88 -19.92 -1.99 4.35
C ASN I 88 -19.77 -1.14 5.59
N ASP I 89 -18.83 -1.51 6.45
CA ASP I 89 -18.51 -0.74 7.64
C ASP I 89 -17.19 0.01 7.49
N GLU I 90 -17.29 1.34 7.49
CA GLU I 90 -16.14 2.23 7.27
C GLU I 90 -14.96 1.91 8.19
N GLU I 91 -15.24 1.67 9.46
CA GLU I 91 -14.17 1.49 10.44
C GLU I 91 -13.55 0.10 10.33
N LEU I 92 -14.37 -0.91 10.05
CA LEU I 92 -13.88 -2.27 9.85
C LEU I 92 -13.12 -2.43 8.54
N ASN I 93 -13.62 -1.83 7.48
CA ASN I 93 -12.96 -1.86 6.18
C ASN I 93 -11.52 -1.36 6.23
N LYS I 94 -11.27 -0.32 7.02
CA LYS I 94 -9.92 0.24 7.13
C LYS I 94 -9.02 -0.64 7.99
N LEU I 95 -9.60 -1.19 9.06
CA LEU I 95 -8.90 -2.11 9.96
C LEU I 95 -8.50 -3.41 9.28
N LEU I 96 -9.30 -3.80 8.29
CA LEU I 96 -9.05 -5.02 7.53
C LEU I 96 -8.85 -4.71 6.05
N SER I 97 -8.07 -3.68 5.78
CA SER I 97 -7.85 -3.25 4.40
C SER I 97 -6.86 -4.15 3.68
N GLY I 98 -6.05 -4.89 4.44
CA GLY I 98 -5.10 -5.80 3.83
C GLY I 98 -5.43 -7.27 4.01
N VAL I 99 -6.62 -7.57 4.51
CA VAL I 99 -7.01 -8.95 4.72
C VAL I 99 -7.97 -9.40 3.62
N THR I 100 -7.87 -10.67 3.25
CA THR I 100 -8.79 -11.26 2.26
C THR I 100 -9.59 -12.37 2.91
N ILE I 101 -10.90 -12.29 2.80
CA ILE I 101 -11.77 -13.33 3.35
C ILE I 101 -12.16 -14.34 2.27
N ALA I 102 -11.76 -15.60 2.52
CA ALA I 102 -12.02 -16.70 1.60
C ALA I 102 -13.52 -16.94 1.44
N GLN I 103 -13.94 -17.13 0.19
CA GLN I 103 -15.35 -17.38 -0.13
C GLN I 103 -16.22 -16.20 0.29
N GLY I 104 -15.59 -15.05 0.44
CA GLY I 104 -16.27 -13.83 0.85
C GLY I 104 -16.92 -13.13 -0.31
N GLY I 105 -16.32 -13.22 -1.49
CA GLY I 105 -16.87 -12.57 -2.66
C GLY I 105 -16.48 -11.11 -2.68
N VAL I 106 -17.31 -10.30 -3.33
CA VAL I 106 -17.02 -8.88 -3.48
C VAL I 106 -18.32 -8.12 -3.27
N LEU I 107 -18.21 -6.88 -2.79
CA LEU I 107 -19.37 -6.03 -2.61
C LEU I 107 -19.92 -5.55 -3.95
N PRO I 108 -21.25 -5.64 -4.12
CA PRO I 108 -21.94 -5.15 -5.31
C PRO I 108 -21.68 -3.66 -5.56
N ASN I 109 -21.07 -3.35 -6.69
CA ASN I 109 -20.76 -1.96 -7.03
C ASN I 109 -20.65 -1.77 -8.53
N ILE I 110 -21.63 -1.15 -9.15
CA ILE I 110 -21.53 -0.89 -10.57
C ILE I 110 -21.37 0.61 -10.78
N GLN I 111 -20.31 0.98 -11.49
CA GLN I 111 -20.00 2.38 -11.74
C GLN I 111 -21.11 3.01 -12.58
N ALA I 112 -21.47 4.24 -12.23
CA ALA I 112 -22.59 4.94 -12.85
C ALA I 112 -22.50 5.01 -14.38
N VAL I 113 -21.32 5.31 -14.90
CA VAL I 113 -21.15 5.50 -16.33
C VAL I 113 -21.42 4.24 -17.19
N LEU I 114 -21.49 3.07 -16.57
CA LEU I 114 -21.72 1.82 -17.33
C LEU I 114 -23.21 1.51 -17.40
N LEU I 115 -23.96 2.08 -16.47
CA LEU I 115 -25.41 1.91 -16.44
C LEU I 115 -26.06 2.58 -17.65
N PRO I 116 -27.08 1.93 -18.23
CA PRO I 116 -27.75 2.38 -19.46
C PRO I 116 -28.23 3.83 -19.40
N ARG J 28 -1.85 -39.15 19.75
CA ARG J 28 -3.09 -38.39 19.64
C ARG J 28 -2.78 -36.90 19.44
N LYS J 29 -3.79 -36.13 19.08
CA LYS J 29 -3.60 -34.72 18.74
C LYS J 29 -4.61 -33.79 19.42
N ARG J 30 -4.11 -32.67 19.94
CA ARG J 30 -4.96 -31.73 20.66
C ARG J 30 -4.69 -30.34 20.11
N LYS J 31 -5.67 -29.74 19.44
CA LYS J 31 -5.55 -28.37 18.96
C LYS J 31 -6.50 -27.36 19.63
N GLU J 32 -5.98 -26.53 20.52
CA GLU J 32 -6.82 -25.60 21.27
C GLU J 32 -7.34 -24.51 20.33
N SER J 33 -8.32 -23.74 20.78
CA SER J 33 -8.94 -22.74 19.90
C SER J 33 -9.72 -21.65 20.64
N TYR J 34 -10.25 -20.70 19.87
CA TYR J 34 -11.10 -19.64 20.40
C TYR J 34 -12.56 -19.87 20.04
N ALA J 35 -12.84 -21.00 19.40
CA ALA J 35 -14.17 -21.33 18.89
C ALA J 35 -15.30 -21.12 19.90
N ILE J 36 -15.18 -21.78 21.04
CA ILE J 36 -16.23 -21.75 22.06
C ILE J 36 -16.48 -20.34 22.60
N TYR J 37 -15.45 -19.51 22.63
CA TYR J 37 -15.58 -18.15 23.14
C TYR J 37 -16.23 -17.23 22.10
N ILE J 38 -15.89 -17.43 20.84
CA ILE J 38 -16.50 -16.68 19.74
C ILE J 38 -17.98 -16.99 19.65
N TYR J 39 -18.35 -18.23 19.96
CA TYR J 39 -19.74 -18.65 19.90
C TYR J 39 -20.52 -18.04 21.05
N LYS J 40 -19.90 -18.03 22.23
CA LYS J 40 -20.48 -17.41 23.42
C LYS J 40 -20.80 -15.93 23.16
N VAL J 41 -19.82 -15.22 22.59
CA VAL J 41 -19.98 -13.81 22.22
C VAL J 41 -21.10 -13.61 21.20
N LEU J 42 -21.23 -14.54 20.26
CA LEU J 42 -22.27 -14.46 19.24
C LEU J 42 -23.67 -14.49 19.85
N LYS J 43 -23.82 -15.30 20.90
CA LYS J 43 -25.10 -15.45 21.57
C LYS J 43 -25.51 -14.23 22.39
N GLN J 44 -24.53 -13.44 22.79
CA GLN J 44 -24.81 -12.22 23.55
C GLN J 44 -25.27 -11.14 22.59
N VAL J 45 -24.82 -11.24 21.35
CA VAL J 45 -25.08 -10.21 20.36
C VAL J 45 -26.28 -10.57 19.47
N HIS J 46 -26.39 -11.84 19.10
CA HIS J 46 -27.50 -12.37 18.31
C HIS J 46 -27.89 -13.78 18.75
N PRO J 47 -28.73 -13.88 19.80
CA PRO J 47 -29.09 -15.16 20.41
C PRO J 47 -29.72 -16.19 19.47
N ASP J 48 -30.38 -15.74 18.41
CA ASP J 48 -31.06 -16.68 17.51
C ASP J 48 -30.33 -16.95 16.20
N THR J 49 -29.07 -16.53 16.11
CA THR J 49 -28.29 -16.67 14.90
C THR J 49 -27.16 -17.68 15.09
N GLY J 50 -26.90 -18.48 14.06
CA GLY J 50 -25.82 -19.45 14.11
C GLY J 50 -24.68 -19.05 13.21
N ILE J 51 -23.68 -19.91 13.09
CA ILE J 51 -22.49 -19.60 12.31
C ILE J 51 -21.88 -20.85 11.67
N SER J 52 -21.53 -20.75 10.39
CA SER J 52 -20.94 -21.89 9.67
C SER J 52 -19.50 -22.16 10.10
N SER J 53 -19.04 -23.38 9.85
CA SER J 53 -17.68 -23.81 10.17
C SER J 53 -16.62 -22.91 9.57
N LYS J 54 -16.76 -22.61 8.28
CA LYS J 54 -15.81 -21.78 7.56
C LYS J 54 -15.77 -20.37 8.14
N ALA J 55 -16.93 -19.87 8.53
CA ALA J 55 -17.05 -18.55 9.14
C ALA J 55 -16.39 -18.50 10.51
N MET J 56 -16.53 -19.59 11.26
CA MET J 56 -15.92 -19.70 12.57
C MET J 56 -14.40 -19.75 12.44
N SER J 57 -13.92 -20.39 11.38
CA SER J 57 -12.50 -20.45 11.10
C SER J 57 -12.01 -19.03 10.85
N ILE J 58 -12.72 -18.31 9.99
CA ILE J 58 -12.39 -16.92 9.68
C ILE J 58 -12.38 -16.09 10.96
N MET J 59 -13.41 -16.25 11.79
CA MET J 59 -13.49 -15.56 13.07
C MET J 59 -12.32 -15.94 13.97
N ASN J 60 -11.92 -17.20 13.89
CA ASN J 60 -10.82 -17.72 14.70
C ASN J 60 -9.49 -17.11 14.24
N SER J 61 -9.34 -17.00 12.93
CA SER J 61 -8.13 -16.40 12.39
C SER J 61 -8.08 -14.91 12.73
N PHE J 62 -9.22 -14.24 12.67
CA PHE J 62 -9.28 -12.82 12.98
C PHE J 62 -8.88 -12.47 14.41
N VAL J 63 -9.37 -13.25 15.38
CA VAL J 63 -9.04 -13.01 16.79
C VAL J 63 -7.55 -13.24 17.06
N ASN J 64 -7.00 -14.32 16.52
CA ASN J 64 -5.59 -14.63 16.65
C ASN J 64 -4.75 -13.56 15.98
N ASP J 65 -5.22 -13.08 14.84
CA ASP J 65 -4.56 -12.00 14.11
C ASP J 65 -4.45 -10.77 15.00
N ILE J 66 -5.60 -10.28 15.46
CA ILE J 66 -5.65 -9.11 16.32
C ILE J 66 -4.79 -9.31 17.57
N PHE J 67 -4.79 -10.52 18.10
CA PHE J 67 -3.98 -10.83 19.27
C PHE J 67 -2.49 -10.63 18.98
N GLU J 68 -2.05 -11.21 17.87
CA GLU J 68 -0.65 -11.12 17.48
C GLU J 68 -0.22 -9.69 17.15
N ARG J 69 -1.07 -8.98 16.42
CA ARG J 69 -0.84 -7.58 16.07
C ARG J 69 -0.63 -6.68 17.29
N ILE J 70 -1.62 -6.67 18.17
CA ILE J 70 -1.62 -5.81 19.36
C ILE J 70 -0.46 -6.13 20.29
N ALA J 71 -0.25 -7.43 20.54
CA ALA J 71 0.81 -7.89 21.42
C ALA J 71 2.19 -7.60 20.85
N ALA J 72 2.32 -7.74 19.54
CA ALA J 72 3.60 -7.45 18.87
C ALA J 72 3.97 -5.98 19.05
N GLU J 73 3.01 -5.09 18.80
CA GLU J 73 3.25 -3.67 18.95
C GLU J 73 3.54 -3.29 20.40
N ALA J 74 2.80 -3.90 21.33
CA ALA J 74 3.02 -3.66 22.75
C ALA J 74 4.42 -4.13 23.16
N SER J 75 4.86 -5.23 22.54
CA SER J 75 6.17 -5.78 22.81
C SER J 75 7.26 -4.78 22.43
N ARG J 76 7.13 -4.21 21.24
CA ARG J 76 8.11 -3.24 20.76
C ARG J 76 8.04 -1.97 21.61
N LEU J 77 6.82 -1.57 21.97
CA LEU J 77 6.61 -0.39 22.82
C LEU J 77 7.38 -0.52 24.13
N ALA J 78 7.34 -1.70 24.72
CA ALA J 78 8.08 -1.97 25.94
C ALA J 78 9.58 -1.89 25.69
N HIS J 79 10.00 -2.43 24.55
CA HIS J 79 11.42 -2.43 24.19
C HIS J 79 11.89 -1.00 23.95
N TYR J 80 11.17 -0.28 23.09
CA TYR J 80 11.46 1.12 22.77
C TYR J 80 11.66 1.99 24.01
N ASN J 81 10.78 1.84 25.00
CA ASN J 81 10.84 2.68 26.19
C ASN J 81 11.64 2.01 27.31
N LYS J 82 12.44 1.02 26.94
CA LYS J 82 13.36 0.32 27.83
C LYS J 82 12.70 -0.22 29.10
N ARG J 83 11.50 -0.77 28.94
CA ARG J 83 10.79 -1.45 30.01
C ARG J 83 10.75 -2.94 29.71
N SER J 84 10.72 -3.76 30.76
CA SER J 84 10.71 -5.21 30.56
C SER J 84 9.36 -5.82 30.94
N THR J 85 8.35 -4.96 31.11
CA THR J 85 7.03 -5.44 31.47
C THR J 85 5.97 -4.85 30.55
N ILE J 86 5.10 -5.71 30.02
CA ILE J 86 3.97 -5.27 29.23
C ILE J 86 2.75 -5.08 30.13
N THR J 87 2.39 -3.83 30.38
CA THR J 87 1.27 -3.52 31.25
C THR J 87 0.04 -3.09 30.46
N SER J 88 -1.04 -2.76 31.17
CA SER J 88 -2.25 -2.27 30.53
C SER J 88 -1.96 -1.03 29.72
N ARG J 89 -0.97 -0.26 30.17
CA ARG J 89 -0.61 1.00 29.55
C ARG J 89 -0.14 0.77 28.11
N GLU J 90 0.77 -0.18 27.93
CA GLU J 90 1.28 -0.49 26.59
C GLU J 90 0.21 -1.03 25.65
N ILE J 91 -0.60 -1.96 26.14
CA ILE J 91 -1.71 -2.52 25.36
C ILE J 91 -2.67 -1.45 24.86
N GLN J 92 -3.03 -0.51 25.73
CA GLN J 92 -3.95 0.56 25.37
C GLN J 92 -3.30 1.42 24.28
N THR J 93 -2.03 1.79 24.49
CA THR J 93 -1.31 2.59 23.52
C THR J 93 -1.16 1.82 22.22
N ALA J 94 -0.96 0.51 22.32
CA ALA J 94 -0.88 -0.35 21.14
C ALA J 94 -2.21 -0.32 20.40
N VAL J 95 -3.30 -0.32 21.15
CA VAL J 95 -4.64 -0.24 20.60
C VAL J 95 -4.88 1.10 19.92
N ARG J 96 -4.44 2.17 20.56
CA ARG J 96 -4.59 3.52 20.01
C ARG J 96 -3.87 3.65 18.67
N LEU J 97 -2.74 2.96 18.55
CA LEU J 97 -1.94 3.01 17.33
C LEU J 97 -2.52 2.19 16.18
N LEU J 98 -3.10 1.02 16.49
CA LEU J 98 -3.47 0.08 15.45
C LEU J 98 -4.92 0.21 14.96
N LEU J 99 -5.83 0.60 15.85
CA LEU J 99 -7.24 0.69 15.46
C LEU J 99 -7.64 2.11 15.07
N PRO J 100 -8.34 2.23 13.93
CA PRO J 100 -8.81 3.49 13.35
C PRO J 100 -9.97 4.13 14.10
N GLY J 101 -9.96 5.46 14.17
CA GLY J 101 -11.04 6.26 14.69
C GLY J 101 -11.86 5.72 15.85
N GLU J 102 -13.18 5.65 15.64
CA GLU J 102 -14.13 5.29 16.67
C GLU J 102 -13.86 3.91 17.27
N LEU J 103 -13.44 2.95 16.44
CA LEU J 103 -13.08 1.60 16.88
C LEU J 103 -12.17 1.61 18.10
N ALA J 104 -11.12 2.42 18.02
CA ALA J 104 -10.13 2.56 19.08
C ALA J 104 -10.76 3.09 20.36
N LYS J 105 -11.54 4.16 20.23
CA LYS J 105 -12.22 4.79 21.37
C LYS J 105 -13.05 3.77 22.17
N HIS J 106 -13.91 3.02 21.49
CA HIS J 106 -14.74 2.05 22.19
C HIS J 106 -13.90 0.90 22.73
N ALA J 107 -12.86 0.51 21.99
CA ALA J 107 -11.96 -0.53 22.45
C ALA J 107 -11.26 -0.13 23.74
N VAL J 108 -10.89 1.14 23.85
CA VAL J 108 -10.26 1.63 25.08
C VAL J 108 -11.27 1.66 26.23
N SER J 109 -12.51 2.05 25.92
CA SER J 109 -13.59 2.06 26.89
C SER J 109 -13.82 0.67 27.48
N GLU J 110 -13.93 -0.32 26.60
CA GLU J 110 -14.16 -1.71 26.98
C GLU J 110 -12.98 -2.23 27.78
N GLY J 111 -11.77 -1.93 27.31
CA GLY J 111 -10.55 -2.34 27.98
C GLY J 111 -10.52 -1.82 29.41
N THR J 112 -10.72 -0.52 29.56
CA THR J 112 -10.73 0.10 30.89
C THR J 112 -11.81 -0.48 31.79
N LYS J 113 -13.02 -0.63 31.27
CA LYS J 113 -14.11 -1.23 32.03
C LYS J 113 -13.73 -2.57 32.67
N ALA J 114 -13.26 -3.49 31.84
CA ALA J 114 -12.91 -4.84 32.29
C ALA J 114 -11.82 -4.87 33.36
N VAL J 115 -10.74 -4.14 33.13
CA VAL J 115 -9.61 -4.10 34.07
C VAL J 115 -10.05 -3.56 35.44
N THR J 116 -10.91 -2.54 35.44
CA THR J 116 -11.42 -1.96 36.69
C THR J 116 -12.21 -2.98 37.50
N LYS J 117 -13.17 -3.65 36.85
CA LYS J 117 -13.98 -4.65 37.54
C LYS J 117 -13.14 -5.79 38.09
N TYR J 118 -12.14 -6.21 37.32
CA TYR J 118 -11.27 -7.31 37.74
C TYR J 118 -10.44 -6.93 38.96
N THR J 119 -10.02 -5.68 39.04
CA THR J 119 -9.23 -5.19 40.18
C THR J 119 -10.01 -5.08 41.49
N SER J 120 -11.33 -4.93 41.39
CA SER J 120 -12.19 -4.81 42.56
C SER J 120 -12.39 -6.09 43.35
N SER J 121 -11.86 -7.19 42.85
CA SER J 121 -12.02 -8.47 43.54
C SER J 121 -10.69 -8.98 44.09
N SER K 1 -42.74 27.88 -34.22
CA SER K 1 -43.38 28.03 -35.53
C SER K 1 -43.15 29.45 -36.07
N ALA K 2 -42.08 30.09 -35.61
CA ALA K 2 -41.77 31.45 -36.03
C ALA K 2 -41.33 31.50 -37.50
N SER K 3 -41.43 32.68 -38.10
CA SER K 3 -40.99 32.89 -39.47
C SER K 3 -39.49 32.64 -39.58
N HIS K 4 -39.10 31.93 -40.63
CA HIS K 4 -37.69 31.84 -41.04
C HIS K 4 -37.55 31.24 -42.45
N PRO K 5 -36.75 31.88 -43.32
CA PRO K 5 -36.48 31.29 -44.64
C PRO K 5 -35.81 29.92 -44.52
N THR K 6 -35.61 29.20 -45.63
CA THR K 6 -34.93 27.91 -45.52
C THR K 6 -33.53 27.99 -44.93
N TYR K 7 -33.07 26.86 -44.41
CA TYR K 7 -31.69 26.70 -43.96
C TYR K 7 -30.61 26.89 -45.03
N SER K 8 -30.93 26.53 -46.27
CA SER K 8 -29.99 26.77 -47.36
C SER K 8 -29.72 28.25 -47.54
N GLU K 9 -30.77 29.03 -47.32
CA GLU K 9 -30.69 30.46 -47.59
C GLU K 9 -29.97 31.11 -46.44
N MET K 10 -30.27 30.63 -45.24
CA MET K 10 -29.61 31.09 -44.03
C MET K 10 -28.12 30.78 -43.96
N ILE K 11 -27.73 29.58 -44.35
CA ILE K 11 -26.32 29.22 -44.27
C ILE K 11 -25.53 30.05 -45.28
N ALA K 12 -26.05 30.12 -46.50
CA ALA K 12 -25.45 30.91 -47.56
C ALA K 12 -25.36 32.38 -47.16
N ALA K 13 -26.40 32.85 -46.47
CA ALA K 13 -26.42 34.18 -45.92
C ALA K 13 -25.40 34.35 -44.81
N ALA K 14 -25.28 33.34 -43.96
CA ALA K 14 -24.28 33.39 -42.91
C ALA K 14 -22.87 33.30 -43.46
N ILE K 15 -22.62 32.49 -44.47
CA ILE K 15 -21.27 32.42 -45.00
C ILE K 15 -20.87 33.69 -45.74
N ARG K 16 -21.73 34.13 -46.66
CA ARG K 16 -21.44 35.37 -47.39
C ARG K 16 -21.39 36.62 -46.53
N ALA K 17 -22.11 36.66 -45.42
CA ALA K 17 -22.03 37.82 -44.55
C ALA K 17 -20.70 37.89 -43.82
N GLU K 18 -19.95 36.80 -43.86
CA GLU K 18 -18.74 36.71 -43.10
C GLU K 18 -17.58 36.72 -44.10
N LYS K 19 -16.91 37.84 -44.23
CA LYS K 19 -15.72 37.88 -45.08
C LYS K 19 -14.52 37.23 -44.40
N SER K 20 -14.02 36.17 -45.04
CA SER K 20 -13.14 35.22 -44.39
C SER K 20 -12.51 34.34 -45.45
N ARG K 21 -11.25 33.95 -45.23
CA ARG K 21 -10.59 33.00 -46.10
C ARG K 21 -11.30 31.65 -46.06
N GLY K 22 -11.04 30.87 -45.01
CA GLY K 22 -11.65 29.55 -44.85
C GLY K 22 -13.17 29.51 -44.82
N GLY K 23 -13.82 30.43 -45.54
CA GLY K 23 -15.27 30.52 -45.57
C GLY K 23 -15.67 30.53 -44.13
N SER K 24 -16.37 29.49 -43.70
CA SER K 24 -16.92 29.45 -42.35
C SER K 24 -16.93 28.00 -41.87
N SER K 25 -16.91 27.81 -40.54
CA SER K 25 -17.06 26.49 -39.96
C SER K 25 -18.52 26.24 -39.58
N ARG K 26 -18.78 25.14 -38.88
CA ARG K 26 -20.14 24.82 -38.48
C ARG K 26 -20.54 25.66 -37.27
N GLN K 27 -19.58 25.89 -36.39
CA GLN K 27 -19.75 26.71 -35.20
C GLN K 27 -19.98 28.20 -35.44
N SER K 28 -19.18 28.78 -36.31
CA SER K 28 -19.38 30.13 -36.80
C SER K 28 -20.80 30.39 -37.34
N ILE K 29 -21.24 29.53 -38.25
CA ILE K 29 -22.53 29.69 -38.93
C ILE K 29 -23.69 29.60 -37.91
N GLN K 30 -23.60 28.62 -37.02
CA GLN K 30 -24.59 28.38 -35.99
C GLN K 30 -24.83 29.58 -35.07
N LYS K 31 -23.78 30.28 -34.68
CA LYS K 31 -24.00 31.42 -33.79
C LYS K 31 -24.47 32.65 -34.58
N TYR K 32 -24.07 32.75 -35.84
CA TYR K 32 -24.58 33.82 -36.68
C TYR K 32 -26.10 33.64 -36.85
N ILE K 33 -26.52 32.42 -37.20
CA ILE K 33 -27.92 32.15 -37.51
C ILE K 33 -28.83 32.35 -36.31
N LYS K 34 -28.31 31.99 -35.13
CA LYS K 34 -29.03 32.11 -33.87
C LYS K 34 -29.30 33.54 -33.46
N SER K 35 -28.39 34.45 -33.79
CA SER K 35 -28.61 35.84 -33.42
C SER K 35 -29.23 36.67 -34.52
N HIS K 36 -29.14 36.21 -35.78
CA HIS K 36 -29.70 37.02 -36.85
C HIS K 36 -31.05 36.49 -37.32
N TYR K 37 -31.55 35.43 -36.71
CA TYR K 37 -32.86 34.86 -37.08
C TYR K 37 -33.64 34.15 -35.97
N LYS K 38 -34.96 34.04 -36.18
CA LYS K 38 -35.82 33.29 -35.25
C LYS K 38 -35.84 31.81 -35.58
N VAL K 39 -35.07 31.03 -34.84
CA VAL K 39 -34.76 29.67 -35.23
C VAL K 39 -35.11 28.82 -34.01
N GLY K 40 -35.36 27.53 -34.21
CA GLY K 40 -35.94 26.75 -33.14
C GLY K 40 -34.86 26.05 -32.34
N HIS K 41 -35.24 25.02 -31.61
CA HIS K 41 -34.27 24.33 -30.77
C HIS K 41 -33.39 23.42 -31.60
N ASN K 42 -33.88 23.00 -32.76
CA ASN K 42 -33.13 22.06 -33.57
C ASN K 42 -32.41 22.75 -34.72
N ALA K 43 -31.85 23.92 -34.45
CA ALA K 43 -31.10 24.65 -35.45
C ALA K 43 -29.88 23.85 -35.88
N ASP K 44 -29.17 23.36 -34.88
CA ASP K 44 -27.92 22.62 -35.02
C ASP K 44 -28.05 21.37 -35.88
N LEU K 45 -29.08 20.57 -35.63
CA LEU K 45 -29.37 19.40 -36.45
C LEU K 45 -29.70 19.75 -37.88
N GLN K 46 -30.53 20.78 -38.07
CA GLN K 46 -30.90 21.24 -39.39
C GLN K 46 -29.74 21.92 -40.13
N ILE K 47 -28.92 22.65 -39.40
CA ILE K 47 -27.68 23.18 -39.96
C ILE K 47 -26.76 22.03 -40.38
N LYS K 48 -26.53 21.10 -39.46
CA LYS K 48 -25.76 19.88 -39.76
C LYS K 48 -26.20 19.11 -41.00
N LEU K 49 -27.49 18.79 -41.04
CA LEU K 49 -28.17 18.21 -42.20
C LEU K 49 -28.11 18.98 -43.51
N SER K 50 -28.23 20.31 -43.43
CA SER K 50 -28.16 21.13 -44.63
C SER K 50 -26.77 21.20 -45.24
N ILE K 51 -25.73 21.26 -44.41
CA ILE K 51 -24.37 21.25 -44.94
C ILE K 51 -24.07 19.90 -45.59
N ARG K 52 -24.51 18.82 -44.95
CA ARG K 52 -24.41 17.48 -45.54
C ARG K 52 -24.95 17.39 -46.97
N ARG K 53 -26.11 18.01 -47.21
CA ARG K 53 -26.76 17.93 -48.52
C ARG K 53 -26.25 18.93 -49.55
N LEU K 54 -25.81 20.09 -49.08
CA LEU K 54 -25.23 21.10 -49.97
C LEU K 54 -23.83 20.72 -50.44
N LEU K 55 -23.10 19.95 -49.64
CA LEU K 55 -21.79 19.49 -50.05
C LEU K 55 -21.90 18.47 -51.18
N ALA K 56 -22.73 17.46 -50.97
CA ALA K 56 -23.03 16.45 -51.98
C ALA K 56 -23.55 16.98 -53.33
N ALA K 57 -24.33 18.06 -53.29
CA ALA K 57 -24.74 18.74 -54.53
C ALA K 57 -23.61 19.55 -55.17
N GLY K 58 -22.64 19.95 -54.36
CA GLY K 58 -21.54 20.77 -54.82
C GLY K 58 -21.92 22.24 -54.79
N VAL K 59 -22.84 22.58 -53.89
CA VAL K 59 -23.32 23.95 -53.75
C VAL K 59 -22.35 24.61 -52.79
N LEU K 60 -22.09 23.88 -51.71
CA LEU K 60 -21.09 24.22 -50.73
C LEU K 60 -19.80 23.52 -51.12
N LYS K 61 -18.67 24.21 -51.06
CA LYS K 61 -17.39 23.54 -51.26
C LYS K 61 -16.60 23.48 -49.96
N GLN K 62 -15.74 22.46 -49.86
CA GLN K 62 -15.04 22.14 -48.62
C GLN K 62 -13.69 22.85 -48.58
N THR K 63 -13.27 23.23 -47.38
CA THR K 63 -11.98 23.88 -47.22
C THR K 63 -11.09 23.11 -46.25
N LYS K 64 -11.42 23.12 -44.97
CA LYS K 64 -10.66 22.26 -44.05
C LYS K 64 -11.57 21.19 -43.48
N GLY K 65 -10.96 20.09 -43.05
CA GLY K 65 -11.68 18.95 -42.51
C GLY K 65 -12.33 18.03 -43.52
N VAL K 66 -13.26 17.21 -43.02
CA VAL K 66 -14.06 16.33 -43.86
C VAL K 66 -15.44 16.10 -43.25
N GLY K 67 -16.47 16.64 -43.88
CA GLY K 67 -17.82 16.44 -43.38
C GLY K 67 -18.27 17.61 -42.55
N ALA K 68 -19.36 17.43 -41.79
CA ALA K 68 -19.94 18.55 -41.05
C ALA K 68 -18.98 19.12 -40.02
N SER K 69 -17.91 18.41 -39.69
CA SER K 69 -16.91 19.00 -38.82
C SER K 69 -15.78 19.52 -39.71
N GLY K 70 -15.81 20.82 -39.99
CA GLY K 70 -14.79 21.44 -40.80
C GLY K 70 -15.02 22.92 -40.99
N SER K 71 -14.39 23.46 -42.03
CA SER K 71 -14.63 24.82 -42.49
C SER K 71 -14.89 24.76 -44.00
N PHE K 72 -15.83 25.54 -44.51
CA PHE K 72 -16.26 25.38 -45.91
C PHE K 72 -16.59 26.72 -46.56
N ARG K 73 -16.69 26.76 -47.89
CA ARG K 73 -17.00 27.98 -48.61
C ARG K 73 -18.03 27.67 -49.69
N LEU K 74 -18.58 28.72 -50.28
CA LEU K 74 -19.53 28.59 -51.37
C LEU K 74 -18.79 28.35 -52.69
N ALA K 75 -19.42 27.59 -53.58
CA ALA K 75 -18.88 27.40 -54.93
C ALA K 75 -19.27 28.57 -55.83
N LYS K 76 -18.59 28.69 -56.97
CA LYS K 76 -18.71 29.90 -57.80
C LYS K 76 -19.85 29.77 -58.80
#